data_8UCW
#
_entry.id   8UCW
#
_cell.length_a   1.00
_cell.length_b   1.00
_cell.length_c   1.00
_cell.angle_alpha   90.00
_cell.angle_beta   90.00
_cell.angle_gamma   90.00
#
_symmetry.space_group_name_H-M   'P 1'
#
loop_
_entity.id
_entity.type
_entity.pdbx_description
1 polymer 'DNA polymerase alpha catalytic subunit'
2 polymer 'DNA template'
3 polymer 'RNA-DNA/DNA primer'
4 non-polymer "2'-DEOXYGUANOSINE-5'-TRIPHOSPHATE"
5 non-polymer 'MAGNESIUM ION'
#
loop_
_entity_poly.entity_id
_entity_poly.type
_entity_poly.pdbx_seq_one_letter_code
_entity_poly.pdbx_strand_id
1 'polypeptide(L)'
;SNAADGSQVFRFYWLDAYEDQYSQPGVVYLFGKVWIESADAYVSCCVSVKNIERTVYLLPRENRVQLSTGKDTGAPVSMM
HVYQEFNEAVAEKYKIMKFKSKKVDKDYAFEIPDVPASSEYLEVRYSADSPQLPQDLKGETFSHVFGTNTSSLELFLLSR
KIKGPSWLEIKSPQLSSQPMSWCKVEAVVTRPDQVSVVKDLAPPPVVVLSLSMKTVQNAKTHQNEIVAIAALVHHTFPLD
KAPPQPPFQTHFCVLSKLNDCIFPYDYNEAVKQKNANIEIALTERTLLGFFLAKIHKIDPDVIVGHDIYGFDLEVLLQRI
NSCKVPFWSKIGRLRRSVMPKLGGRSGFAERNAACGRIICDIEISAKELIRCKSYHLSELVHQILKAERVVIPPENIRNA
YNDSVHLLYMLENTWIDAKFILQIMCELNVLPLALQITNIAGNVMSRTLMGGRSERNEYLLLHAFTENNFIVPDKPVFKK
MQQTTVEDNDDMGTDQNKNKSRKKAAYAGGLVLEPKVGFYDKFILLLDFNSLYPSIIQEYNICFTTVHREAPSTQKGEDQ
DEIPELPHSDLEMGILPREIRKLVERRRHVKQLMKQPDLNPDLYLQYDIRQKALKLTANSMYGCLGFSYSRFYAKPLAAL
VTHQGREILLHTKEMVQKMNLEVIYGDTDSIMINTNCNNLEEVFKLGNRVKSEINKSYKLLEIDIDGIFKSLLLLKKKKY
AALTVEPTGDGKYVTKQELKGLDIVRRDWCELAKQAGNYVISQILSDQPRDSIVENIQKKLTEIGENVTNGTVPITQYEI
NKALTKDPQDYPDKKSLPHVHVALWINSQGGRKVKAGDTISYVICQDGSNLSASQRAYAQEQLQKQENLSIDTQYYLSQQ
VHPVVARICEPIDGIDSALIAMWLGLDPSQFRAHRHYQQDEENDALLGGPSQLTDEEKYRDCERFKFFCPKCGTENIYDN
VFDGSGLQIEPGLKRCSKPECDASPLDYVIQVHNKLLLDIRRYIKKYYSGWLVCEEKTCQNRTRRLPLSFSRNGPICQAC
SKATLRSEYPEKALYTQLCFYRFIFDWDYALEKVVSEQERGHLKKKLFQESENQYKKLKSTVDQVLSRSGYSEVNLSKLF
QTLNTIK
;
A
2 'polydeoxyribonucleotide'
;(DT)(DG)(DT)(DA)(DT)(DG)(DT)(DA)(DT)(DG)(DT)(DA)(DT)(DG)(DT)(DC)(DG)(DC)(DT)(DA)
(DC)(DA)(DA)(DT)(DC)(DG)(DC)(DT)(DA)(DA)(DG)(DT)(DT)(DC)(DA)(DC)(DG)(DC)(DA)(DG)
(DT)(DA)(DT)(DC)(DC)(DT)(DG)(DT)(DA)(DT)(DG)(DT)(DA)(DT)(DG)(DT)(DA)(DT)(DG)
;
C
3 'polydeoxyribonucleotide/polyribonucleotide hybrid'
;(GTP)GAUACUGC(DG)(DT)(DG)(DA)(DA)(DC)(DT)(DT)(DA)(DG)(DC)(DG)(DA)(DT)(DT)(DG)
(DT)(DA)(DG)(DOC)
;
D
#
# COMPACT_ATOMS: atom_id res chain seq x y z
N GLN A 8 -17.05 -11.05 36.54
CA GLN A 8 -15.88 -11.88 36.25
C GLN A 8 -15.38 -11.66 34.83
N VAL A 9 -16.24 -11.10 33.98
CA VAL A 9 -15.88 -10.83 32.59
C VAL A 9 -14.88 -9.69 32.54
N PHE A 10 -14.26 -9.50 31.37
CA PHE A 10 -13.23 -8.47 31.21
C PHE A 10 -13.31 -7.97 29.76
N ARG A 11 -13.87 -6.78 29.59
CA ARG A 11 -14.13 -6.22 28.27
C ARG A 11 -13.06 -5.21 27.91
N PHE A 12 -12.42 -5.41 26.76
CA PHE A 12 -11.40 -4.48 26.29
C PHE A 12 -11.39 -4.49 24.77
N TYR A 13 -10.72 -3.48 24.19
CA TYR A 13 -10.65 -3.27 22.75
C TYR A 13 -9.23 -3.60 22.29
N TRP A 14 -9.07 -4.76 21.66
CA TRP A 14 -7.75 -5.23 21.25
C TRP A 14 -7.33 -4.58 19.95
N LEU A 15 -6.07 -4.15 19.89
CA LEU A 15 -5.54 -3.42 18.75
C LEU A 15 -4.42 -4.15 18.02
N ASP A 16 -3.49 -4.79 18.75
CA ASP A 16 -2.36 -5.44 18.14
C ASP A 16 -2.12 -6.80 18.80
N ALA A 17 -1.57 -7.73 18.03
CA ALA A 17 -1.26 -9.07 18.52
C ALA A 17 0.18 -9.43 18.16
N TYR A 18 0.89 -10.05 19.10
CA TYR A 18 2.28 -10.43 18.92
C TYR A 18 2.48 -11.88 19.36
N GLU A 19 3.19 -12.65 18.55
CA GLU A 19 3.51 -14.03 18.87
C GLU A 19 4.97 -14.30 18.54
N ASP A 20 5.63 -15.06 19.41
CA ASP A 20 7.02 -15.47 19.20
C ASP A 20 7.05 -16.99 19.06
N GLN A 21 7.20 -17.47 17.83
CA GLN A 21 7.10 -18.91 17.59
C GLN A 21 8.17 -19.69 18.32
N TYR A 22 9.34 -19.09 18.56
CA TYR A 22 10.47 -19.80 19.15
C TYR A 22 10.58 -19.56 20.66
N SER A 23 10.52 -18.31 21.10
CA SER A 23 10.72 -18.01 22.52
C SER A 23 9.67 -18.67 23.39
N GLN A 24 8.41 -18.28 23.22
CA GLN A 24 7.29 -18.82 24.00
C GLN A 24 6.34 -19.57 23.09
N PRO A 25 6.29 -20.91 23.15
CA PRO A 25 5.40 -21.65 22.25
C PRO A 25 3.97 -21.66 22.75
N GLY A 26 3.04 -21.40 21.83
CA GLY A 26 1.62 -21.40 22.17
C GLY A 26 1.19 -20.27 23.07
N VAL A 27 1.75 -19.08 22.88
CA VAL A 27 1.36 -17.90 23.65
C VAL A 27 1.25 -16.70 22.70
N VAL A 28 0.15 -15.97 22.81
CA VAL A 28 -0.11 -14.79 21.99
C VAL A 28 -0.51 -13.66 22.91
N TYR A 29 0.08 -12.48 22.70
CA TYR A 29 -0.22 -11.30 23.49
C TYR A 29 -1.08 -10.34 22.68
N LEU A 30 -2.22 -9.93 23.26
CA LEU A 30 -3.12 -8.96 22.66
C LEU A 30 -3.03 -7.65 23.41
N PHE A 31 -2.75 -6.57 22.69
CA PHE A 31 -2.62 -5.23 23.24
C PHE A 31 -3.82 -4.40 22.86
N GLY A 32 -4.38 -3.68 23.83
CA GLY A 32 -5.55 -2.88 23.55
C GLY A 32 -5.86 -1.91 24.67
N LYS A 33 -7.09 -1.37 24.63
CA LYS A 33 -7.54 -0.36 25.56
C LYS A 33 -8.63 -0.91 26.45
N VAL A 34 -8.58 -0.56 27.73
CA VAL A 34 -9.57 -0.98 28.72
C VAL A 34 -10.02 0.24 29.51
N TRP A 35 -11.32 0.35 29.75
CA TRP A 35 -11.88 1.46 30.50
C TRP A 35 -11.73 1.23 31.99
N ILE A 36 -11.01 2.13 32.66
CA ILE A 36 -10.87 2.13 34.11
C ILE A 36 -11.71 3.28 34.64
N GLU A 37 -12.76 2.93 35.39
CA GLU A 37 -13.71 3.95 35.84
C GLU A 37 -13.05 4.98 36.74
N SER A 38 -12.19 4.53 37.66
CA SER A 38 -11.55 5.46 38.59
C SER A 38 -10.82 6.57 37.84
N ALA A 39 -10.04 6.21 36.82
CA ALA A 39 -9.34 7.22 36.04
C ALA A 39 -10.23 7.90 35.01
N ASP A 40 -11.43 7.37 34.77
CA ASP A 40 -12.38 7.95 33.81
C ASP A 40 -11.73 8.12 32.44
N ALA A 41 -10.93 7.13 32.05
CA ALA A 41 -10.29 7.14 30.74
C ALA A 41 -9.75 5.74 30.47
N TYR A 42 -9.40 5.50 29.21
CA TYR A 42 -8.86 4.21 28.80
C TYR A 42 -7.37 4.13 29.11
N VAL A 43 -6.92 2.92 29.46
CA VAL A 43 -5.53 2.65 29.78
C VAL A 43 -5.09 1.43 28.99
N SER A 44 -3.85 1.46 28.48
CA SER A 44 -3.34 0.34 27.71
C SER A 44 -3.34 -0.93 28.56
N CYS A 45 -3.79 -2.03 27.96
CA CYS A 45 -3.83 -3.32 28.63
C CYS A 45 -3.30 -4.40 27.70
N CYS A 46 -2.68 -5.41 28.28
CA CYS A 46 -2.13 -6.54 27.54
C CYS A 46 -2.73 -7.84 28.08
N VAL A 47 -3.17 -8.70 27.17
CA VAL A 47 -3.77 -9.99 27.51
C VAL A 47 -2.95 -11.09 26.86
N SER A 48 -2.55 -12.08 27.66
CA SER A 48 -1.74 -13.19 27.20
C SER A 48 -2.64 -14.43 27.08
N VAL A 49 -2.97 -14.80 25.85
CA VAL A 49 -3.79 -15.98 25.60
C VAL A 49 -2.84 -17.17 25.48
N LYS A 50 -2.77 -17.97 26.53
CA LYS A 50 -1.83 -19.08 26.62
C LYS A 50 -2.51 -20.39 26.22
N ASN A 51 -1.68 -21.44 26.12
CA ASN A 51 -2.17 -22.80 25.86
C ASN A 51 -2.98 -22.87 24.58
N ILE A 52 -2.52 -22.18 23.54
CA ILE A 52 -3.15 -22.26 22.24
C ILE A 52 -2.66 -23.53 21.56
N GLU A 53 -3.39 -24.63 21.76
CA GLU A 53 -2.99 -25.92 21.21
C GLU A 53 -3.00 -25.90 19.69
N ARG A 54 -2.13 -26.70 19.09
CA ARG A 54 -2.00 -26.80 17.65
C ARG A 54 -2.83 -27.97 17.14
N THR A 55 -3.56 -27.75 16.05
CA THR A 55 -4.50 -28.72 15.53
C THR A 55 -4.00 -29.26 14.20
N VAL A 56 -4.04 -30.58 14.03
CA VAL A 56 -3.63 -31.23 12.80
C VAL A 56 -4.75 -32.17 12.38
N TYR A 57 -5.13 -32.10 11.10
CA TYR A 57 -6.16 -32.95 10.53
C TYR A 57 -5.50 -34.04 9.69
N LEU A 58 -5.87 -35.29 9.94
CA LEU A 58 -5.32 -36.42 9.21
C LEU A 58 -6.37 -36.96 8.25
N LEU A 59 -5.96 -37.22 7.01
CA LEU A 59 -6.86 -37.70 5.97
C LEU A 59 -6.75 -39.21 5.87
N PRO A 60 -7.77 -39.98 6.24
CA PRO A 60 -7.63 -41.43 6.22
C PRO A 60 -7.62 -41.96 4.79
N ARG A 61 -7.05 -43.16 4.65
CA ARG A 61 -7.07 -43.86 3.37
C ARG A 61 -8.37 -44.62 3.21
N GLU A 62 -8.66 -45.01 1.96
CA GLU A 62 -9.79 -45.90 1.71
C GLU A 62 -9.46 -47.32 2.14
N ASN A 63 -8.24 -47.77 1.88
CA ASN A 63 -7.80 -49.10 2.26
C ASN A 63 -6.34 -49.02 2.72
N ARG A 64 -5.97 -49.95 3.60
CA ARG A 64 -4.62 -49.96 4.14
C ARG A 64 -3.59 -50.19 3.04
N VAL A 65 -2.44 -49.53 3.18
CA VAL A 65 -1.34 -49.59 2.22
C VAL A 65 -0.07 -49.88 2.99
N GLN A 66 0.73 -50.83 2.50
CA GLN A 66 2.02 -51.10 3.12
C GLN A 66 2.95 -49.92 2.92
N LEU A 67 3.70 -49.59 3.97
CA LEU A 67 4.51 -48.38 3.96
C LEU A 67 5.63 -48.47 2.94
N SER A 68 6.38 -49.57 2.94
CA SER A 68 7.52 -49.71 2.04
C SER A 68 7.15 -50.42 0.74
N THR A 69 6.37 -51.50 0.83
CA THR A 69 5.98 -52.24 -0.37
C THR A 69 5.06 -51.43 -1.28
N GLY A 70 4.42 -50.39 -0.75
CA GLY A 70 3.49 -49.61 -1.56
C GLY A 70 2.34 -50.45 -2.09
N LYS A 71 1.85 -51.39 -1.28
CA LYS A 71 0.82 -52.32 -1.70
C LYS A 71 -0.55 -51.73 -1.43
N ASP A 72 -1.59 -52.56 -1.60
CA ASP A 72 -2.97 -52.19 -1.23
C ASP A 72 -3.62 -53.44 -0.65
N THR A 73 -3.56 -53.58 0.67
CA THR A 73 -4.08 -54.78 1.32
C THR A 73 -5.57 -54.95 1.07
N GLY A 74 -6.33 -53.85 1.12
CA GLY A 74 -7.75 -53.89 0.88
C GLY A 74 -8.60 -53.75 2.14
N ALA A 75 -8.01 -53.85 3.31
CA ALA A 75 -8.76 -53.69 4.56
C ALA A 75 -9.25 -52.25 4.69
N PRO A 76 -10.56 -52.02 4.85
CA PRO A 76 -11.04 -50.63 4.97
C PRO A 76 -10.42 -49.93 6.16
N VAL A 77 -10.17 -48.64 6.00
CA VAL A 77 -9.52 -47.82 7.01
C VAL A 77 -10.58 -46.91 7.61
N SER A 78 -10.88 -47.12 8.89
CA SER A 78 -11.85 -46.32 9.63
C SER A 78 -11.12 -45.38 10.58
N MET A 79 -11.90 -44.47 11.19
CA MET A 79 -11.31 -43.51 12.11
C MET A 79 -10.70 -44.19 13.32
N MET A 80 -11.28 -45.32 13.76
CA MET A 80 -10.69 -46.07 14.86
C MET A 80 -9.31 -46.59 14.48
N HIS A 81 -9.17 -47.12 13.26
CA HIS A 81 -7.86 -47.59 12.81
C HIS A 81 -6.87 -46.44 12.70
N VAL A 82 -7.33 -45.27 12.24
CA VAL A 82 -6.44 -44.12 12.14
C VAL A 82 -5.94 -43.72 13.52
N TYR A 83 -6.85 -43.68 14.50
CA TYR A 83 -6.43 -43.32 15.86
C TYR A 83 -5.47 -44.34 16.43
N GLN A 84 -5.73 -45.64 16.21
CA GLN A 84 -4.84 -46.66 16.71
C GLN A 84 -3.45 -46.53 16.08
N GLU A 85 -3.39 -46.28 14.77
CA GLU A 85 -2.10 -46.11 14.12
C GLU A 85 -1.36 -44.89 14.66
N PHE A 86 -2.08 -43.77 14.83
CA PHE A 86 -1.42 -42.57 15.34
C PHE A 86 -0.96 -42.77 16.78
N ASN A 87 -1.67 -43.59 17.55
CA ASN A 87 -1.28 -43.83 18.93
C ASN A 87 -0.10 -44.78 19.03
N GLU A 88 -0.01 -45.74 18.10
CA GLU A 88 1.06 -46.74 18.18
C GLU A 88 2.33 -46.27 17.49
N ALA A 89 2.25 -45.95 16.20
CA ALA A 89 3.45 -45.62 15.43
C ALA A 89 3.87 -44.17 15.64
N VAL A 90 3.02 -43.23 15.22
CA VAL A 90 3.43 -41.83 15.13
C VAL A 90 3.68 -41.26 16.52
N ALA A 91 2.75 -41.49 17.45
CA ALA A 91 2.89 -40.92 18.79
C ALA A 91 4.21 -41.35 19.41
N GLU A 92 4.54 -42.64 19.29
CA GLU A 92 5.81 -43.13 19.81
C GLU A 92 6.98 -42.50 19.06
N LYS A 93 6.87 -42.38 17.73
CA LYS A 93 8.01 -41.94 16.94
C LYS A 93 8.37 -40.49 17.25
N TYR A 94 7.38 -39.60 17.35
CA TYR A 94 7.65 -38.18 17.49
C TYR A 94 7.53 -37.68 18.91
N LYS A 95 7.40 -38.58 19.89
CA LYS A 95 7.40 -38.21 21.30
C LYS A 95 6.31 -37.19 21.60
N ILE A 96 5.07 -37.62 21.41
CA ILE A 96 3.89 -36.85 21.79
C ILE A 96 3.25 -37.55 22.98
N MET A 97 3.12 -36.82 24.09
CA MET A 97 2.66 -37.42 25.34
C MET A 97 1.13 -37.40 25.44
N LYS A 98 0.54 -36.21 25.37
CA LYS A 98 -0.89 -36.03 25.54
C LYS A 98 -1.49 -35.41 24.29
N PHE A 99 -2.62 -35.94 23.84
CA PHE A 99 -3.31 -35.40 22.68
C PHE A 99 -4.79 -35.75 22.80
N LYS A 100 -5.63 -34.86 22.28
CA LYS A 100 -7.08 -35.05 22.27
C LYS A 100 -7.53 -35.28 20.84
N SER A 101 -8.25 -36.37 20.61
CA SER A 101 -8.63 -36.80 19.27
C SER A 101 -10.14 -36.85 19.14
N LYS A 102 -10.65 -36.34 18.02
CA LYS A 102 -12.07 -36.42 17.69
C LYS A 102 -12.21 -36.53 16.19
N LYS A 103 -13.35 -37.08 15.77
CA LYS A 103 -13.65 -37.22 14.35
C LYS A 103 -14.41 -35.98 13.87
N VAL A 104 -13.96 -35.38 12.78
CA VAL A 104 -14.55 -34.18 12.23
C VAL A 104 -14.76 -34.37 10.73
N ASP A 105 -15.93 -33.97 10.25
CA ASP A 105 -16.23 -33.97 8.82
C ASP A 105 -15.94 -32.57 8.27
N LYS A 106 -14.94 -32.48 7.39
CA LYS A 106 -14.49 -31.20 6.88
C LYS A 106 -14.37 -31.27 5.35
N ASP A 107 -14.42 -30.09 4.73
CA ASP A 107 -14.33 -29.96 3.28
C ASP A 107 -12.93 -29.54 2.87
N TYR A 108 -12.63 -29.73 1.58
CA TYR A 108 -11.34 -29.34 1.03
C TYR A 108 -11.47 -29.18 -0.48
N ALA A 109 -11.08 -28.01 -0.99
CA ALA A 109 -11.02 -27.78 -2.42
C ALA A 109 -9.84 -26.83 -2.68
N PHE A 110 -8.67 -27.41 -2.94
CA PHE A 110 -7.44 -26.67 -3.16
C PHE A 110 -6.49 -27.57 -3.94
N GLU A 111 -5.22 -27.17 -4.03
CA GLU A 111 -4.26 -27.81 -4.92
C GLU A 111 -3.45 -28.83 -4.13
N ILE A 112 -4.09 -29.96 -3.85
CA ILE A 112 -3.39 -31.14 -3.35
C ILE A 112 -4.08 -32.38 -3.94
N PRO A 113 -3.43 -33.13 -4.82
CA PRO A 113 -4.15 -34.19 -5.52
C PRO A 113 -4.59 -35.32 -4.60
N ASP A 114 -5.69 -35.96 -4.97
CA ASP A 114 -6.22 -37.14 -4.28
C ASP A 114 -6.81 -36.79 -2.92
N VAL A 115 -7.33 -35.58 -2.76
CA VAL A 115 -8.02 -35.16 -1.54
C VAL A 115 -9.49 -34.91 -1.90
N PRO A 116 -10.43 -35.68 -1.36
CA PRO A 116 -11.83 -35.51 -1.76
C PRO A 116 -12.38 -34.17 -1.30
N ALA A 117 -13.46 -33.75 -1.97
CA ALA A 117 -14.09 -32.48 -1.64
C ALA A 117 -14.59 -32.47 -0.20
N SER A 118 -15.23 -33.57 0.23
CA SER A 118 -15.68 -33.72 1.60
C SER A 118 -15.29 -35.11 2.09
N SER A 119 -14.78 -35.17 3.31
CA SER A 119 -14.34 -36.43 3.88
C SER A 119 -14.24 -36.29 5.40
N GLU A 120 -14.00 -37.42 6.06
CA GLU A 120 -13.86 -37.47 7.51
C GLU A 120 -12.39 -37.43 7.89
N TYR A 121 -12.06 -36.60 8.87
CA TYR A 121 -10.69 -36.43 9.34
C TYR A 121 -10.64 -36.70 10.85
N LEU A 122 -9.44 -37.01 11.34
CA LEU A 122 -9.20 -37.25 12.76
C LEU A 122 -8.43 -36.05 13.30
N GLU A 123 -9.17 -35.06 13.78
CA GLU A 123 -8.55 -33.89 14.40
C GLU A 123 -7.84 -34.30 15.68
N VAL A 124 -6.54 -34.03 15.75
CA VAL A 124 -5.73 -34.31 16.94
C VAL A 124 -5.02 -33.03 17.32
N ARG A 125 -5.04 -32.71 18.62
CA ARG A 125 -4.38 -31.52 19.14
C ARG A 125 -3.37 -31.93 20.21
N TYR A 126 -2.48 -30.99 20.54
CA TYR A 126 -1.52 -31.19 21.61
C TYR A 126 -0.77 -29.88 21.83
N SER A 127 -0.08 -29.81 22.97
CA SER A 127 0.54 -28.57 23.40
C SER A 127 1.56 -28.09 22.36
N ALA A 128 1.71 -26.77 22.26
CA ALA A 128 2.68 -26.18 21.34
C ALA A 128 4.11 -26.51 21.72
N ASP A 129 4.35 -27.02 22.93
CA ASP A 129 5.71 -27.43 23.31
C ASP A 129 6.11 -28.73 22.62
N SER A 130 5.14 -29.57 22.26
CA SER A 130 5.46 -30.83 21.64
C SER A 130 6.02 -30.59 20.23
N PRO A 131 6.78 -31.54 19.70
CA PRO A 131 7.39 -31.34 18.37
C PRO A 131 6.34 -31.21 17.28
N GLN A 132 6.69 -30.49 16.23
CA GLN A 132 5.81 -30.24 15.11
C GLN A 132 6.00 -31.34 14.07
N LEU A 133 4.90 -31.95 13.65
CA LEU A 133 4.98 -33.07 12.72
C LEU A 133 5.44 -32.56 11.34
N PRO A 134 6.10 -33.41 10.56
CA PRO A 134 6.53 -32.98 9.22
C PRO A 134 5.34 -32.78 8.29
N GLN A 135 5.52 -31.89 7.32
CA GLN A 135 4.42 -31.53 6.44
C GLN A 135 4.02 -32.68 5.53
N ASP A 136 4.96 -33.56 5.20
CA ASP A 136 4.71 -34.69 4.30
C ASP A 136 4.48 -36.00 5.05
N LEU A 137 4.12 -35.93 6.32
CA LEU A 137 3.96 -37.15 7.11
C LEU A 137 2.93 -38.07 6.46
N LYS A 138 3.23 -39.36 6.43
CA LYS A 138 2.32 -40.35 5.89
C LYS A 138 2.41 -41.64 6.69
N GLY A 139 1.42 -42.51 6.48
CA GLY A 139 1.35 -43.79 7.18
C GLY A 139 0.41 -44.73 6.46
N GLU A 140 0.41 -45.98 6.92
CA GLU A 140 -0.41 -46.99 6.27
C GLU A 140 -1.90 -46.69 6.39
N THR A 141 -2.31 -45.87 7.36
CA THR A 141 -3.72 -45.59 7.60
C THR A 141 -4.11 -44.17 7.25
N PHE A 142 -3.16 -43.25 7.07
CA PHE A 142 -3.44 -41.88 6.67
C PHE A 142 -2.50 -41.47 5.55
N SER A 143 -2.98 -40.62 4.65
CA SER A 143 -2.23 -40.22 3.47
C SER A 143 -1.83 -38.75 3.47
N HIS A 144 -2.16 -37.99 4.52
CA HIS A 144 -1.83 -36.58 4.55
C HIS A 144 -2.16 -36.00 5.92
N VAL A 145 -1.39 -35.00 6.32
CA VAL A 145 -1.61 -34.26 7.57
C VAL A 145 -1.60 -32.78 7.22
N PHE A 146 -2.61 -32.05 7.70
CA PHE A 146 -2.78 -30.65 7.37
C PHE A 146 -2.50 -29.78 8.60
N GLY A 147 -2.27 -28.49 8.35
CA GLY A 147 -2.14 -27.54 9.43
C GLY A 147 -0.97 -27.78 10.36
N THR A 148 0.02 -28.55 9.92
CA THR A 148 1.16 -28.84 10.79
C THR A 148 1.96 -27.58 11.11
N ASN A 149 2.09 -26.67 10.15
CA ASN A 149 2.85 -25.45 10.33
C ASN A 149 1.96 -24.25 10.66
N THR A 150 0.83 -24.48 11.31
CA THR A 150 -0.10 -23.40 11.61
C THR A 150 0.44 -22.55 12.76
N SER A 151 0.59 -21.26 12.51
CA SER A 151 1.08 -20.35 13.53
C SER A 151 0.04 -20.18 14.64
N SER A 152 0.53 -19.87 15.84
CA SER A 152 -0.36 -19.69 16.98
C SER A 152 -1.34 -18.54 16.75
N LEU A 153 -0.85 -17.43 16.21
CA LEU A 153 -1.73 -16.27 15.98
C LEU A 153 -2.85 -16.62 15.02
N GLU A 154 -2.53 -17.31 13.92
CA GLU A 154 -3.56 -17.68 12.96
C GLU A 154 -4.57 -18.64 13.57
N LEU A 155 -4.08 -19.64 14.32
CA LEU A 155 -4.99 -20.57 14.97
C LEU A 155 -5.94 -19.85 15.91
N PHE A 156 -5.40 -18.93 16.73
CA PHE A 156 -6.24 -18.19 17.65
C PHE A 156 -7.27 -17.35 16.90
N LEU A 157 -6.83 -16.60 15.88
CA LEU A 157 -7.73 -15.71 15.17
C LEU A 157 -8.84 -16.48 14.47
N LEU A 158 -8.50 -17.61 13.85
CA LEU A 158 -9.51 -18.38 13.15
C LEU A 158 -10.42 -19.15 14.10
N SER A 159 -9.91 -19.57 15.26
CA SER A 159 -10.75 -20.31 16.21
C SER A 159 -11.73 -19.39 16.92
N ARG A 160 -11.29 -18.20 17.31
CA ARG A 160 -12.16 -17.24 17.99
C ARG A 160 -12.84 -16.27 17.04
N LYS A 161 -12.66 -16.43 15.73
CA LYS A 161 -13.38 -15.63 14.74
C LYS A 161 -13.17 -14.13 15.00
N ILE A 162 -11.95 -13.77 15.35
CA ILE A 162 -11.58 -12.37 15.54
C ILE A 162 -11.17 -11.80 14.19
N LYS A 163 -11.80 -10.70 13.79
CA LYS A 163 -11.58 -10.08 12.48
C LYS A 163 -11.29 -8.60 12.69
N GLY A 164 -10.02 -8.27 12.89
CA GLY A 164 -9.59 -6.91 13.03
C GLY A 164 -9.92 -6.32 14.40
N PRO A 165 -9.58 -5.06 14.61
CA PRO A 165 -9.90 -4.42 15.89
C PRO A 165 -11.39 -4.46 16.19
N SER A 166 -11.72 -4.76 17.44
CA SER A 166 -13.10 -4.90 17.88
C SER A 166 -13.07 -5.16 19.38
N TRP A 167 -14.23 -5.00 20.02
CA TRP A 167 -14.32 -5.22 21.45
C TRP A 167 -14.31 -6.72 21.73
N LEU A 168 -13.60 -7.11 22.79
CA LEU A 168 -13.50 -8.50 23.20
C LEU A 168 -13.92 -8.64 24.65
N GLU A 169 -14.54 -9.78 24.97
CA GLU A 169 -14.94 -10.12 26.33
C GLU A 169 -14.18 -11.35 26.76
N ILE A 170 -13.48 -11.27 27.89
CA ILE A 170 -12.67 -12.36 28.42
C ILE A 170 -13.37 -12.90 29.66
N LYS A 171 -13.42 -14.22 29.77
CA LYS A 171 -14.08 -14.91 30.88
C LYS A 171 -13.02 -15.46 31.82
N SER A 172 -13.23 -15.29 33.12
CA SER A 172 -12.37 -15.86 34.15
C SER A 172 -10.91 -15.44 33.91
N PRO A 173 -10.64 -14.14 33.86
CA PRO A 173 -9.25 -13.69 33.71
C PRO A 173 -8.43 -13.98 34.95
N GLN A 174 -7.14 -14.18 34.75
CA GLN A 174 -6.18 -14.39 35.82
C GLN A 174 -5.21 -13.22 35.87
N LEU A 175 -4.46 -13.14 36.97
CA LEU A 175 -3.43 -12.13 37.12
C LEU A 175 -2.05 -12.74 36.91
N SER A 176 -1.16 -11.94 36.33
CA SER A 176 0.20 -12.40 36.05
C SER A 176 1.02 -12.44 37.33
N SER A 177 1.84 -13.48 37.47
CA SER A 177 2.68 -13.59 38.66
C SER A 177 3.60 -12.38 38.78
N GLN A 178 4.32 -12.06 37.72
CA GLN A 178 5.17 -10.89 37.64
C GLN A 178 4.84 -10.12 36.36
N PRO A 179 5.03 -8.80 36.36
CA PRO A 179 4.67 -8.03 35.17
C PRO A 179 5.38 -8.55 33.93
N MET A 180 4.64 -8.59 32.82
CA MET A 180 5.18 -9.04 31.55
C MET A 180 5.01 -8.03 30.43
N SER A 181 4.46 -6.85 30.71
CA SER A 181 4.24 -5.85 29.68
C SER A 181 4.41 -4.46 30.29
N TRP A 182 4.66 -3.49 29.44
CA TRP A 182 4.79 -2.10 29.84
C TRP A 182 3.45 -1.37 29.90
N CYS A 183 2.35 -2.11 29.88
CA CYS A 183 1.02 -1.52 29.92
C CYS A 183 0.57 -1.33 31.37
N LYS A 184 -0.65 -0.85 31.55
CA LYS A 184 -1.17 -0.57 32.88
C LYS A 184 -1.95 -1.74 33.48
N VAL A 185 -2.65 -2.52 32.65
CA VAL A 185 -3.45 -3.64 33.11
C VAL A 185 -3.04 -4.89 32.34
N GLU A 186 -2.91 -6.01 33.06
CA GLU A 186 -2.55 -7.28 32.47
C GLU A 186 -3.55 -8.35 32.90
N ALA A 187 -3.70 -9.37 32.05
CA ALA A 187 -4.61 -10.47 32.33
C ALA A 187 -4.16 -11.69 31.55
N VAL A 188 -4.28 -12.86 32.17
CA VAL A 188 -3.86 -14.13 31.61
C VAL A 188 -5.10 -14.98 31.34
N VAL A 189 -5.21 -15.50 30.12
CA VAL A 189 -6.29 -16.40 29.72
C VAL A 189 -5.69 -17.79 29.57
N THR A 190 -6.31 -18.78 30.24
CA THR A 190 -5.78 -20.12 30.28
C THR A 190 -6.11 -20.96 29.04
N ARG A 191 -7.06 -20.54 28.20
CA ARG A 191 -7.43 -21.33 27.04
C ARG A 191 -8.07 -20.42 26.01
N PRO A 192 -8.00 -20.76 24.72
CA PRO A 192 -8.68 -19.94 23.70
C PRO A 192 -10.18 -19.83 23.91
N ASP A 193 -10.82 -20.90 24.40
CA ASP A 193 -12.28 -20.91 24.48
C ASP A 193 -12.83 -19.83 25.40
N GLN A 194 -12.01 -19.28 26.28
CA GLN A 194 -12.49 -18.29 27.25
C GLN A 194 -12.57 -16.89 26.67
N VAL A 195 -12.14 -16.69 25.43
CA VAL A 195 -12.18 -15.39 24.77
C VAL A 195 -13.31 -15.39 23.75
N SER A 196 -14.13 -14.34 23.78
CA SER A 196 -15.25 -14.18 22.87
C SER A 196 -15.22 -12.79 22.27
N VAL A 197 -16.03 -12.58 21.24
CA VAL A 197 -16.12 -11.31 20.53
C VAL A 197 -17.49 -10.71 20.78
N VAL A 198 -17.50 -9.41 21.09
CA VAL A 198 -18.74 -8.64 21.25
C VAL A 198 -18.78 -7.58 20.18
N LYS A 199 -19.90 -7.46 19.49
CA LYS A 199 -20.06 -6.60 18.33
C LYS A 199 -20.89 -5.36 18.69
N ASP A 200 -21.00 -4.46 17.73
CA ASP A 200 -21.88 -3.30 17.81
C ASP A 200 -21.49 -2.37 18.96
N LEU A 201 -20.23 -1.94 18.94
CA LEU A 201 -19.75 -0.95 19.89
C LEU A 201 -18.69 -0.09 19.20
N ALA A 202 -18.72 1.21 19.48
CA ALA A 202 -17.81 2.14 18.83
C ALA A 202 -16.38 1.89 19.31
N PRO A 203 -15.38 2.07 18.44
CA PRO A 203 -14.00 1.97 18.89
C PRO A 203 -13.67 3.09 19.86
N PRO A 204 -12.78 2.85 20.82
CA PRO A 204 -12.41 3.89 21.76
C PRO A 204 -11.30 4.77 21.20
N PRO A 205 -11.25 6.05 21.56
CA PRO A 205 -10.16 6.91 21.09
C PRO A 205 -8.82 6.40 21.57
N VAL A 206 -7.80 6.58 20.73
CA VAL A 206 -6.47 6.06 21.00
C VAL A 206 -5.47 7.21 21.06
N VAL A 207 -4.30 6.90 21.59
CA VAL A 207 -3.22 7.88 21.72
C VAL A 207 -2.34 7.78 20.47
N VAL A 208 -2.12 8.92 19.81
CA VAL A 208 -1.31 8.98 18.61
C VAL A 208 -0.12 9.90 18.90
N LEU A 209 1.09 9.41 18.62
CA LEU A 209 2.31 10.17 18.84
C LEU A 209 3.03 10.36 17.51
N SER A 210 3.15 11.60 17.08
CA SER A 210 3.85 11.95 15.84
C SER A 210 5.22 12.50 16.21
N LEU A 211 6.28 11.86 15.72
CA LEU A 211 7.64 12.21 16.08
C LEU A 211 8.47 12.46 14.83
N SER A 212 9.27 13.53 14.87
CA SER A 212 10.25 13.83 13.84
C SER A 212 11.59 14.08 14.52
N MET A 213 12.66 13.53 13.93
CA MET A 213 13.99 13.63 14.51
C MET A 213 14.97 14.15 13.47
N LYS A 214 15.96 14.89 13.95
CA LYS A 214 17.03 15.42 13.10
C LYS A 214 18.35 14.85 13.60
N THR A 215 19.13 14.30 12.68
CA THR A 215 20.38 13.62 13.02
C THR A 215 21.53 14.19 12.20
N VAL A 216 22.73 14.07 12.76
CA VAL A 216 23.96 14.43 12.08
C VAL A 216 24.83 13.18 11.99
N GLN A 217 25.27 12.85 10.77
CA GLN A 217 26.03 11.64 10.56
C GLN A 217 27.48 11.84 10.96
N ASN A 218 28.08 10.79 11.53
CA ASN A 218 29.49 10.78 11.89
C ASN A 218 30.26 10.05 10.78
N ALA A 219 30.87 10.83 9.90
CA ALA A 219 31.68 10.25 8.82
C ALA A 219 32.83 9.40 9.38
N LYS A 220 33.24 9.63 10.62
CA LYS A 220 34.26 8.80 11.23
C LYS A 220 33.82 7.33 11.30
N THR A 221 32.57 7.10 11.68
CA THR A 221 32.01 5.76 11.77
C THR A 221 30.78 5.58 10.89
N HIS A 222 30.40 6.60 10.11
CA HIS A 222 29.24 6.52 9.23
C HIS A 222 28.01 6.12 10.03
N GLN A 223 27.90 6.68 11.23
CA GLN A 223 26.77 6.44 12.12
C GLN A 223 25.95 7.73 12.24
N ASN A 224 24.63 7.58 12.26
CA ASN A 224 23.72 8.72 12.32
C ASN A 224 23.38 8.98 13.77
N GLU A 225 23.85 10.11 14.30
CA GLU A 225 23.64 10.49 15.69
C GLU A 225 22.46 11.45 15.78
N ILE A 226 21.57 11.19 16.74
CA ILE A 226 20.36 11.99 16.91
C ILE A 226 20.70 13.22 17.74
N VAL A 227 20.18 14.38 17.35
CA VAL A 227 20.41 15.62 18.07
C VAL A 227 19.12 16.32 18.46
N ALA A 228 17.96 15.79 18.08
CA ALA A 228 16.69 16.40 18.46
C ALA A 228 15.56 15.45 18.08
N ILE A 229 14.51 15.47 18.89
CA ILE A 229 13.29 14.71 18.61
C ILE A 229 12.11 15.60 19.00
N ALA A 230 11.41 16.13 18.01
CA ALA A 230 10.21 16.92 18.23
C ALA A 230 9.01 16.01 18.05
N ALA A 231 8.19 15.89 19.09
CA ALA A 231 7.09 14.94 19.11
C ALA A 231 5.79 15.62 19.49
N LEU A 232 4.71 15.25 18.80
CA LEU A 232 3.37 15.76 19.05
C LEU A 232 2.47 14.59 19.43
N VAL A 233 1.61 14.78 20.41
CA VAL A 233 0.75 13.73 20.92
C VAL A 233 -0.67 14.25 21.06
N HIS A 234 -1.64 13.42 20.70
CA HIS A 234 -3.05 13.66 20.96
C HIS A 234 -3.62 12.46 21.68
N HIS A 235 -4.25 12.70 22.83
CA HIS A 235 -4.69 11.61 23.70
C HIS A 235 -6.10 11.12 23.41
N THR A 236 -6.85 11.80 22.54
CA THR A 236 -8.23 11.44 22.23
C THR A 236 -8.47 11.46 20.73
N PHE A 237 -7.57 10.86 19.98
CA PHE A 237 -7.71 10.81 18.53
C PHE A 237 -8.78 9.79 18.16
N PRO A 238 -9.83 10.17 17.42
CA PRO A 238 -10.87 9.21 17.08
C PRO A 238 -10.45 8.28 15.94
N LEU A 239 -11.10 7.12 15.92
CA LEU A 239 -10.90 6.12 14.86
C LEU A 239 -12.17 5.92 14.03
N ASP A 240 -13.24 6.65 14.33
CA ASP A 240 -14.48 6.53 13.56
C ASP A 240 -15.09 7.89 13.21
N LYS A 241 -14.41 9.00 13.50
CA LYS A 241 -14.93 10.33 13.21
C LYS A 241 -13.92 11.13 12.39
N ALA A 242 -14.18 12.42 12.21
CA ALA A 242 -13.26 13.28 11.49
C ALA A 242 -12.07 13.64 12.38
N PRO A 243 -10.93 13.97 11.78
CA PRO A 243 -9.77 14.37 12.59
C PRO A 243 -10.07 15.62 13.40
N PRO A 244 -9.58 15.72 14.62
CA PRO A 244 -9.84 16.91 15.42
C PRO A 244 -9.02 18.11 14.95
N GLN A 245 -9.52 19.29 15.27
CA GLN A 245 -8.84 20.55 14.96
C GLN A 245 -8.69 21.34 16.25
N PRO A 246 -7.46 21.63 16.70
CA PRO A 246 -6.17 21.29 16.10
C PRO A 246 -5.83 19.81 16.26
N PRO A 247 -5.06 19.25 15.32
CA PRO A 247 -4.81 17.80 15.35
C PRO A 247 -4.03 17.32 16.56
N PHE A 248 -3.32 18.20 17.26
CA PHE A 248 -2.46 17.81 18.37
C PHE A 248 -2.90 18.50 19.65
N GLN A 249 -2.78 17.79 20.77
CA GLN A 249 -3.15 18.31 22.08
C GLN A 249 -1.97 18.98 22.77
N THR A 250 -0.88 18.23 22.97
CA THR A 250 0.32 18.73 23.62
C THR A 250 1.54 18.19 22.89
N HIS A 251 2.72 18.60 23.34
CA HIS A 251 3.95 18.25 22.65
C HIS A 251 5.10 18.33 23.63
N PHE A 252 6.22 17.71 23.25
CA PHE A 252 7.44 17.78 24.03
C PHE A 252 8.63 17.75 23.08
N CYS A 253 9.65 18.55 23.38
CA CYS A 253 10.84 18.65 22.55
C CYS A 253 12.06 18.30 23.38
N VAL A 254 12.99 17.57 22.77
CA VAL A 254 14.25 17.20 23.39
C VAL A 254 15.37 17.56 22.43
N LEU A 255 16.41 18.22 22.94
CA LEU A 255 17.49 18.73 22.12
C LEU A 255 18.81 18.42 22.81
N SER A 256 19.68 17.68 22.12
CA SER A 256 20.98 17.31 22.64
C SER A 256 22.09 17.99 21.87
N LYS A 257 23.32 17.80 22.33
CA LYS A 257 24.51 18.33 21.69
C LYS A 257 25.37 17.20 21.15
N LEU A 258 26.34 17.58 20.32
CA LEU A 258 27.22 16.61 19.69
C LEU A 258 28.27 16.14 20.68
N ASN A 259 29.20 15.30 20.21
CA ASN A 259 30.24 14.79 21.10
C ASN A 259 31.30 15.86 21.38
N ASP A 260 31.62 16.68 20.40
CA ASP A 260 32.67 17.68 20.52
C ASP A 260 32.17 19.11 20.55
N CYS A 261 31.08 19.41 19.85
CA CYS A 261 30.54 20.76 19.84
C CYS A 261 29.92 21.10 21.19
N ILE A 262 29.61 22.39 21.37
CA ILE A 262 28.99 22.89 22.59
C ILE A 262 27.79 23.75 22.22
N PHE A 263 26.90 23.94 23.18
CA PHE A 263 25.70 24.73 22.97
C PHE A 263 26.08 26.21 22.82
N PRO A 264 25.24 26.99 22.14
CA PRO A 264 25.48 28.43 22.05
C PRO A 264 25.62 29.06 23.44
N TYR A 265 26.05 30.32 23.44
CA TYR A 265 26.32 31.02 24.69
C TYR A 265 25.10 30.99 25.61
N ASP A 266 23.98 31.57 25.18
CA ASP A 266 22.80 31.72 26.00
C ASP A 266 21.66 30.82 25.55
N TYR A 267 21.99 29.58 25.17
CA TYR A 267 20.96 28.63 24.78
C TYR A 267 19.95 28.41 25.89
N ASN A 268 20.41 28.31 27.14
CA ASN A 268 19.53 28.01 28.25
C ASN A 268 18.50 29.12 28.45
N GLU A 269 18.95 30.37 28.44
CA GLU A 269 18.02 31.48 28.66
C GLU A 269 16.98 31.54 27.55
N ALA A 270 17.40 31.38 26.30
CA ALA A 270 16.45 31.42 25.19
C ALA A 270 15.45 30.27 25.28
N VAL A 271 15.92 29.08 25.63
CA VAL A 271 15.02 27.93 25.76
C VAL A 271 14.01 28.16 26.88
N LYS A 272 14.48 28.69 28.01
CA LYS A 272 13.57 28.97 29.11
C LYS A 272 12.54 30.04 28.72
N GLN A 273 12.97 31.08 28.00
CA GLN A 273 12.04 32.10 27.56
C GLN A 273 11.04 31.56 26.54
N LYS A 274 11.45 30.57 25.74
CA LYS A 274 10.54 30.03 24.73
C LYS A 274 9.30 29.43 25.36
N ASN A 275 9.40 28.96 26.61
CA ASN A 275 8.29 28.43 27.40
C ASN A 275 7.80 27.09 26.89
N ALA A 276 8.52 26.45 25.98
CA ALA A 276 8.13 25.15 25.46
C ALA A 276 8.68 24.04 26.36
N ASN A 277 8.19 22.81 26.12
CA ASN A 277 8.63 21.65 26.90
C ASN A 277 9.95 21.11 26.37
N ILE A 278 10.95 21.99 26.34
CA ILE A 278 12.29 21.65 25.87
C ILE A 278 13.08 21.07 27.04
N GLU A 279 13.56 19.85 26.88
CA GLU A 279 14.44 19.20 27.84
C GLU A 279 15.76 18.90 27.14
N ILE A 280 16.84 19.49 27.63
CA ILE A 280 18.13 19.47 26.95
C ILE A 280 18.98 18.37 27.54
N ALA A 281 19.26 17.34 26.74
CA ALA A 281 20.07 16.21 27.15
C ALA A 281 21.51 16.42 26.69
N LEU A 282 22.46 16.30 27.61
CA LEU A 282 23.85 16.55 27.28
C LEU A 282 24.36 15.58 26.21
N THR A 283 23.99 14.31 26.33
CA THR A 283 24.49 13.26 25.44
C THR A 283 23.33 12.49 24.84
N GLU A 284 23.60 11.87 23.69
CA GLU A 284 22.59 11.05 23.03
C GLU A 284 22.05 9.97 23.94
N ARG A 285 22.86 9.47 24.87
CA ARG A 285 22.39 8.45 25.80
C ARG A 285 21.28 8.99 26.68
N THR A 286 21.50 10.16 27.28
CA THR A 286 20.47 10.77 28.12
C THR A 286 19.25 11.15 27.30
N LEU A 287 19.46 11.61 26.07
CA LEU A 287 18.34 11.96 25.21
C LEU A 287 17.47 10.75 24.93
N LEU A 288 18.10 9.62 24.59
CA LEU A 288 17.35 8.39 24.33
C LEU A 288 16.64 7.90 25.58
N GLY A 289 17.30 8.00 26.74
CA GLY A 289 16.63 7.61 27.98
C GLY A 289 15.40 8.46 28.25
N PHE A 290 15.52 9.78 28.05
CA PHE A 290 14.39 10.67 28.24
C PHE A 290 13.26 10.35 27.25
N PHE A 291 13.63 10.10 25.99
CA PHE A 291 12.61 9.75 24.99
C PHE A 291 11.90 8.47 25.36
N LEU A 292 12.63 7.47 25.82
CA LEU A 292 12.01 6.20 26.19
C LEU A 292 11.09 6.39 27.39
N ALA A 293 11.52 7.18 28.38
CA ALA A 293 10.66 7.45 29.52
C ALA A 293 9.39 8.20 29.09
N LYS A 294 9.53 9.13 28.15
CA LYS A 294 8.36 9.86 27.66
C LYS A 294 7.41 8.92 26.91
N ILE A 295 7.95 8.02 26.10
CA ILE A 295 7.11 7.05 25.39
C ILE A 295 6.40 6.16 26.39
N HIS A 296 7.09 5.74 27.45
CA HIS A 296 6.45 4.93 28.48
C HIS A 296 5.32 5.70 29.15
N LYS A 297 5.56 6.97 29.48
CA LYS A 297 4.52 7.77 30.13
C LYS A 297 3.31 7.94 29.24
N ILE A 298 3.52 8.39 27.99
CA ILE A 298 2.41 8.57 27.07
C ILE A 298 1.82 7.22 26.68
N ASP A 299 2.68 6.24 26.42
CA ASP A 299 2.26 4.92 25.98
C ASP A 299 1.36 5.01 24.74
N PRO A 300 1.84 5.63 23.66
CA PRO A 300 0.99 5.80 22.48
C PRO A 300 0.59 4.46 21.87
N ASP A 301 -0.60 4.44 21.28
CA ASP A 301 -1.07 3.24 20.59
C ASP A 301 -0.75 3.25 19.11
N VAL A 302 -0.60 4.44 18.52
CA VAL A 302 -0.33 4.59 17.09
C VAL A 302 0.80 5.60 16.96
N ILE A 303 2.01 5.14 16.74
CA ILE A 303 3.16 6.01 16.54
C ILE A 303 3.29 6.28 15.05
N VAL A 304 3.26 7.56 14.67
CA VAL A 304 3.27 7.96 13.27
C VAL A 304 4.55 8.73 12.98
N GLY A 305 5.00 8.65 11.74
CA GLY A 305 6.20 9.36 11.32
C GLY A 305 6.41 9.19 9.84
N HIS A 306 7.45 9.86 9.35
CA HIS A 306 7.88 9.75 7.95
C HIS A 306 9.15 8.92 7.89
N ASP A 307 9.14 7.89 7.04
CA ASP A 307 10.25 6.94 6.96
C ASP A 307 10.53 6.33 8.33
N ILE A 308 9.47 6.10 9.11
CA ILE A 308 9.64 5.52 10.43
C ILE A 308 10.16 4.09 10.34
N TYR A 309 9.67 3.32 9.37
CA TYR A 309 10.07 1.92 9.26
C TYR A 309 11.47 1.77 8.68
N GLY A 310 11.90 2.71 7.85
CA GLY A 310 13.18 2.59 7.17
C GLY A 310 14.32 3.30 7.84
N PHE A 311 14.07 4.51 8.34
CA PHE A 311 15.11 5.36 8.92
C PHE A 311 14.93 5.60 10.41
N ASP A 312 13.76 6.09 10.84
CA ASP A 312 13.60 6.57 12.20
C ASP A 312 13.82 5.46 13.22
N LEU A 313 13.02 4.40 13.14
CA LEU A 313 13.11 3.33 14.14
C LEU A 313 14.46 2.62 14.07
N GLU A 314 14.97 2.40 12.87
CA GLU A 314 16.26 1.72 12.73
C GLU A 314 17.37 2.53 13.38
N VAL A 315 17.40 3.85 13.13
CA VAL A 315 18.41 4.70 13.76
C VAL A 315 18.23 4.71 15.27
N LEU A 316 16.99 4.81 15.74
CA LEU A 316 16.73 4.83 17.17
C LEU A 316 17.26 3.57 17.83
N LEU A 317 16.93 2.40 17.28
CA LEU A 317 17.37 1.15 17.87
C LEU A 317 18.89 1.00 17.78
N GLN A 318 19.49 1.39 16.66
CA GLN A 318 20.94 1.28 16.53
C GLN A 318 21.65 2.14 17.56
N ARG A 319 21.19 3.38 17.76
CA ARG A 319 21.81 4.24 18.75
C ARG A 319 21.53 3.78 20.16
N ILE A 320 20.36 3.20 20.41
CA ILE A 320 20.07 2.61 21.71
C ILE A 320 21.06 1.50 22.01
N ASN A 321 21.30 0.64 21.03
CA ASN A 321 22.27 -0.45 21.22
C ASN A 321 23.67 0.10 21.43
N SER A 322 24.06 1.11 20.64
CA SER A 322 25.42 1.63 20.73
C SER A 322 25.67 2.29 22.07
N CYS A 323 24.74 3.13 22.53
CA CYS A 323 24.91 3.84 23.79
C CYS A 323 24.55 2.99 24.99
N LYS A 324 23.96 1.81 24.77
CA LYS A 324 23.55 0.92 25.86
C LYS A 324 22.55 1.61 26.78
N VAL A 325 21.43 2.00 26.20
CA VAL A 325 20.29 2.53 26.96
C VAL A 325 19.58 1.33 27.60
N PRO A 326 19.40 1.30 28.92
CA PRO A 326 19.06 0.05 29.60
C PRO A 326 17.78 -0.60 29.09
N PHE A 327 16.66 0.12 29.17
CA PHE A 327 15.34 -0.47 28.89
C PHE A 327 14.96 -0.17 27.45
N TRP A 328 15.44 -1.02 26.54
CA TRP A 328 15.11 -0.86 25.13
C TRP A 328 13.68 -1.30 24.84
N SER A 329 13.21 -2.35 25.54
CA SER A 329 11.92 -2.93 25.24
C SER A 329 10.77 -1.97 25.51
N LYS A 330 11.04 -0.86 26.20
CA LYS A 330 10.00 0.16 26.39
C LYS A 330 9.58 0.79 25.07
N ILE A 331 10.36 0.61 24.00
CA ILE A 331 9.93 1.14 22.71
C ILE A 331 8.68 0.41 22.23
N GLY A 332 8.43 -0.80 22.73
CA GLY A 332 7.22 -1.53 22.44
C GLY A 332 6.33 -1.56 23.66
N ARG A 333 5.68 -2.69 23.93
CA ARG A 333 4.84 -2.84 25.11
C ARG A 333 5.11 -4.10 25.91
N LEU A 334 5.90 -5.04 25.38
CA LEU A 334 6.27 -6.25 26.11
C LEU A 334 7.59 -6.02 26.84
N ARG A 335 7.82 -6.84 27.87
CA ARG A 335 9.06 -6.81 28.64
C ARG A 335 10.00 -7.89 28.10
N ARG A 336 11.16 -7.46 27.60
CA ARG A 336 12.15 -8.38 27.04
C ARG A 336 13.52 -7.97 27.53
N SER A 337 14.54 -8.75 27.17
CA SER A 337 15.91 -8.48 27.58
C SER A 337 16.85 -8.48 26.38
N VAL A 338 16.54 -9.29 25.38
CA VAL A 338 17.39 -9.45 24.20
C VAL A 338 16.71 -8.79 23.01
N MET A 339 17.40 -7.86 22.37
CA MET A 339 16.81 -7.16 21.24
C MET A 339 16.93 -8.01 19.98
N PRO A 340 15.88 -8.08 19.15
CA PRO A 340 15.99 -8.81 17.89
C PRO A 340 17.09 -8.22 17.01
N LYS A 341 17.76 -9.10 16.27
CA LYS A 341 18.83 -8.64 15.40
C LYS A 341 18.29 -7.68 14.35
N LEU A 342 19.02 -6.60 14.12
CA LEU A 342 18.58 -5.56 13.20
C LEU A 342 18.90 -6.00 11.77
N GLY A 343 18.76 -5.08 10.82
CA GLY A 343 18.94 -5.44 9.43
C GLY A 343 17.79 -6.31 8.93
N GLY A 344 18.07 -7.06 7.87
CA GLY A 344 17.08 -7.88 7.22
C GLY A 344 16.15 -7.05 6.35
N ARG A 345 15.32 -7.76 5.58
CA ARG A 345 14.42 -7.09 4.67
C ARG A 345 13.19 -6.57 5.40
N SER A 346 12.53 -5.58 4.80
CA SER A 346 11.32 -5.01 5.37
C SER A 346 11.58 -4.44 6.75
N GLY A 347 10.53 -3.99 7.42
CA GLY A 347 10.64 -3.44 8.76
C GLY A 347 10.30 -4.44 9.84
N PHE A 348 10.45 -5.73 9.53
CA PHE A 348 10.09 -6.76 10.50
C PHE A 348 10.85 -6.58 11.81
N ALA A 349 12.14 -6.25 11.73
CA ALA A 349 12.89 -5.95 12.94
C ALA A 349 12.29 -4.75 13.66
N GLU A 350 11.96 -3.69 12.93
CA GLU A 350 11.34 -2.52 13.54
C GLU A 350 9.98 -2.86 14.13
N ARG A 351 9.17 -3.63 13.40
CA ARG A 351 7.85 -3.99 13.91
C ARG A 351 7.96 -4.81 15.20
N ASN A 352 8.88 -5.78 15.22
CA ASN A 352 9.08 -6.57 16.44
C ASN A 352 9.58 -5.70 17.58
N ALA A 353 10.47 -4.75 17.27
CA ALA A 353 10.95 -3.84 18.31
C ALA A 353 9.81 -3.02 18.89
N ALA A 354 8.86 -2.61 18.05
CA ALA A 354 7.73 -1.80 18.49
C ALA A 354 6.48 -2.65 18.71
N CYS A 355 6.67 -3.88 19.19
CA CYS A 355 5.55 -4.78 19.39
C CYS A 355 4.52 -4.15 20.33
N GLY A 356 3.24 -4.28 19.96
CA GLY A 356 2.17 -3.71 20.75
C GLY A 356 1.79 -2.30 20.39
N ARG A 357 2.54 -1.65 19.50
CA ARG A 357 2.24 -0.30 19.03
C ARG A 357 2.05 -0.35 17.52
N ILE A 358 0.99 0.27 17.04
CA ILE A 358 0.71 0.33 15.61
C ILE A 358 1.56 1.44 15.01
N ILE A 359 2.50 1.07 14.16
CA ILE A 359 3.42 2.02 13.55
C ILE A 359 2.83 2.48 12.23
N CYS A 360 2.71 3.79 12.06
CA CYS A 360 2.17 4.38 10.84
C CYS A 360 3.30 5.09 10.10
N ASP A 361 3.61 4.61 8.90
CA ASP A 361 4.59 5.23 8.02
C ASP A 361 3.81 5.98 6.94
N ILE A 362 3.69 7.31 7.10
CA ILE A 362 2.88 8.07 6.16
C ILE A 362 3.45 8.00 4.75
N GLU A 363 4.72 7.60 4.62
CA GLU A 363 5.28 7.38 3.28
C GLU A 363 4.61 6.20 2.60
N ILE A 364 4.53 5.06 3.31
CA ILE A 364 3.88 3.87 2.76
C ILE A 364 2.39 4.15 2.54
N SER A 365 1.75 4.78 3.52
CA SER A 365 0.31 5.06 3.40
C SER A 365 0.03 5.98 2.23
N ALA A 366 0.86 7.02 2.05
CA ALA A 366 0.69 7.92 0.91
C ALA A 366 0.91 7.19 -0.41
N LYS A 367 1.93 6.32 -0.46
CA LYS A 367 2.15 5.53 -1.67
C LYS A 367 0.93 4.67 -1.99
N GLU A 368 0.30 4.12 -0.95
CA GLU A 368 -0.86 3.25 -1.18
C GLU A 368 -2.09 4.06 -1.59
N LEU A 369 -2.27 5.24 -1.02
CA LEU A 369 -3.54 5.96 -1.16
C LEU A 369 -3.56 6.86 -2.39
N ILE A 370 -2.58 7.74 -2.54
CA ILE A 370 -2.55 8.70 -3.62
C ILE A 370 -1.31 8.46 -4.48
N ARG A 371 -1.30 9.10 -5.65
CA ARG A 371 -0.18 9.02 -6.58
C ARG A 371 0.46 10.39 -6.69
N CYS A 372 1.77 10.46 -6.42
CA CYS A 372 2.51 11.70 -6.49
C CYS A 372 3.82 11.48 -7.21
N LYS A 373 4.36 12.56 -7.80
CA LYS A 373 5.62 12.45 -8.52
C LYS A 373 6.75 12.04 -7.58
N SER A 374 6.75 12.58 -6.37
CA SER A 374 7.73 12.20 -5.36
C SER A 374 7.01 12.02 -4.03
N TYR A 375 7.51 11.08 -3.22
CA TYR A 375 6.90 10.75 -1.94
C TYR A 375 7.71 11.24 -0.75
N HIS A 376 8.75 12.04 -0.98
CA HIS A 376 9.48 12.61 0.15
C HIS A 376 8.63 13.70 0.82
N LEU A 377 8.95 13.96 2.10
CA LEU A 377 8.04 14.71 2.95
C LEU A 377 7.69 16.08 2.35
N SER A 378 8.66 16.74 1.72
CA SER A 378 8.39 18.06 1.16
C SER A 378 7.34 18.02 0.07
N GLU A 379 7.43 17.03 -0.82
CA GLU A 379 6.45 16.92 -1.90
C GLU A 379 5.06 16.64 -1.35
N LEU A 380 4.97 15.74 -0.37
CA LEU A 380 3.67 15.45 0.24
C LEU A 380 3.10 16.70 0.92
N VAL A 381 3.95 17.46 1.60
CA VAL A 381 3.48 18.67 2.27
C VAL A 381 2.95 19.67 1.25
N HIS A 382 3.67 19.85 0.15
CA HIS A 382 3.22 20.79 -0.88
C HIS A 382 1.93 20.32 -1.54
N GLN A 383 1.81 19.01 -1.77
CA GLN A 383 0.67 18.47 -2.52
C GLN A 383 -0.56 18.35 -1.63
N ILE A 384 -0.41 17.77 -0.45
CA ILE A 384 -1.56 17.50 0.42
C ILE A 384 -1.97 18.76 1.17
N LEU A 385 -1.05 19.34 1.95
CA LEU A 385 -1.38 20.47 2.80
C LEU A 385 -1.29 21.81 2.07
N LYS A 386 -0.77 21.84 0.85
CA LYS A 386 -0.66 23.08 0.08
C LYS A 386 0.15 24.13 0.84
N ALA A 387 1.21 23.68 1.51
CA ALA A 387 2.12 24.54 2.25
C ALA A 387 3.53 24.38 1.71
N GLU A 388 4.40 25.32 2.07
CA GLU A 388 5.80 25.31 1.66
C GLU A 388 6.66 24.91 2.85
N ARG A 389 7.54 23.93 2.65
CA ARG A 389 8.39 23.40 3.69
C ARG A 389 9.82 23.92 3.51
N VAL A 390 10.38 24.46 4.57
CA VAL A 390 11.75 24.97 4.56
C VAL A 390 12.68 23.83 4.95
N VAL A 391 13.68 23.57 4.11
CA VAL A 391 14.61 22.45 4.30
C VAL A 391 15.96 23.01 4.71
N ILE A 392 16.52 22.47 5.78
CA ILE A 392 17.82 22.89 6.30
C ILE A 392 18.88 21.97 5.68
N PRO A 393 19.87 22.52 4.97
CA PRO A 393 20.96 21.67 4.50
C PRO A 393 21.71 21.05 5.65
N PRO A 394 22.29 19.86 5.46
CA PRO A 394 23.01 19.23 6.56
C PRO A 394 24.15 20.08 7.10
N GLU A 395 24.82 20.85 6.25
CA GLU A 395 25.86 21.75 6.72
C GLU A 395 25.29 22.76 7.70
N ASN A 396 24.09 23.29 7.41
CA ASN A 396 23.47 24.23 8.33
C ASN A 396 23.04 23.55 9.62
N ILE A 397 22.67 22.27 9.57
CA ILE A 397 22.36 21.54 10.79
C ILE A 397 23.62 21.40 11.65
N ARG A 398 24.75 21.06 11.03
CA ARG A 398 25.99 20.98 11.78
C ARG A 398 26.39 22.35 12.34
N ASN A 399 26.19 23.41 11.56
CA ASN A 399 26.59 24.75 11.98
C ASN A 399 25.60 25.40 12.93
N ALA A 400 24.44 24.77 13.18
CA ALA A 400 23.45 25.35 14.07
C ALA A 400 24.00 25.61 15.46
N TYR A 401 25.02 24.87 15.88
CA TYR A 401 25.59 25.04 17.21
C TYR A 401 26.56 26.22 17.29
N ASN A 402 26.11 27.39 16.84
CA ASN A 402 26.89 28.61 16.94
C ASN A 402 26.10 29.81 17.44
N ASP A 403 24.79 29.70 17.53
CA ASP A 403 23.95 30.78 18.06
C ASP A 403 22.66 30.18 18.61
N SER A 404 22.09 30.87 19.59
CA SER A 404 20.79 30.44 20.11
C SER A 404 19.72 30.51 19.02
N VAL A 405 19.75 31.57 18.21
CA VAL A 405 18.70 31.79 17.21
C VAL A 405 18.65 30.61 16.25
N HIS A 406 19.80 30.20 15.71
CA HIS A 406 19.81 29.12 14.73
C HIS A 406 19.42 27.79 15.35
N LEU A 407 19.87 27.53 16.58
CA LEU A 407 19.52 26.28 17.25
C LEU A 407 18.01 26.20 17.48
N LEU A 408 17.41 27.28 17.95
CA LEU A 408 15.96 27.29 18.13
C LEU A 408 15.24 27.18 16.78
N TYR A 409 15.82 27.76 15.73
CA TYR A 409 15.24 27.60 14.39
C TYR A 409 15.24 26.13 13.97
N MET A 410 16.35 25.43 14.24
CA MET A 410 16.42 24.01 13.92
C MET A 410 15.37 23.22 14.68
N LEU A 411 15.25 23.49 15.99
CA LEU A 411 14.27 22.78 16.79
C LEU A 411 12.85 23.06 16.31
N GLU A 412 12.55 24.32 15.99
CA GLU A 412 11.22 24.66 15.50
C GLU A 412 10.96 24.04 14.12
N ASN A 413 12.01 23.87 13.32
CA ASN A 413 11.84 23.19 12.04
C ASN A 413 11.50 21.71 12.25
N THR A 414 12.15 21.07 13.21
CA THR A 414 11.78 19.70 13.56
C THR A 414 10.34 19.63 14.04
N TRP A 415 9.93 20.58 14.88
CA TRP A 415 8.56 20.64 15.36
C TRP A 415 7.59 20.80 14.20
N ILE A 416 7.92 21.69 13.26
CA ILE A 416 7.04 21.92 12.11
C ILE A 416 6.96 20.67 11.24
N ASP A 417 8.07 19.94 11.10
CA ASP A 417 8.03 18.69 10.35
C ASP A 417 7.10 17.68 11.02
N ALA A 418 7.18 17.58 12.34
CA ALA A 418 6.27 16.67 13.05
C ALA A 418 4.82 17.10 12.87
N LYS A 419 4.55 18.41 12.97
CA LYS A 419 3.19 18.90 12.78
C LYS A 419 2.70 18.61 11.37
N PHE A 420 3.56 18.77 10.36
CA PHE A 420 3.17 18.46 9.00
C PHE A 420 2.89 16.98 8.83
N ILE A 421 3.69 16.13 9.49
CA ILE A 421 3.44 14.70 9.40
C ILE A 421 2.06 14.37 9.97
N LEU A 422 1.74 14.94 11.13
CA LEU A 422 0.43 14.70 11.73
C LEU A 422 -0.69 15.23 10.84
N GLN A 423 -0.49 16.42 10.26
CA GLN A 423 -1.50 17.00 9.39
C GLN A 423 -1.74 16.12 8.16
N ILE A 424 -0.66 15.57 7.60
CA ILE A 424 -0.80 14.69 6.44
C ILE A 424 -1.54 13.42 6.85
N MET A 425 -1.20 12.84 8.01
CA MET A 425 -1.89 11.66 8.46
C MET A 425 -3.38 11.92 8.63
N CYS A 426 -3.74 13.07 9.20
CA CYS A 426 -5.15 13.38 9.41
C CYS A 426 -5.87 13.65 8.09
N GLU A 427 -5.20 14.35 7.16
CA GLU A 427 -5.86 14.73 5.91
C GLU A 427 -6.21 13.50 5.08
N LEU A 428 -5.25 12.59 4.90
CA LEU A 428 -5.53 11.36 4.16
C LEU A 428 -6.50 10.44 4.88
N ASN A 429 -6.72 10.64 6.19
CA ASN A 429 -7.60 9.78 6.97
C ASN A 429 -7.04 8.36 7.02
N VAL A 430 -5.75 8.26 7.38
CA VAL A 430 -5.06 6.98 7.31
C VAL A 430 -5.58 6.02 8.37
N LEU A 431 -5.76 6.49 9.60
CA LEU A 431 -6.14 5.58 10.68
C LEU A 431 -7.54 5.01 10.49
N PRO A 432 -8.57 5.82 10.23
CA PRO A 432 -9.90 5.23 9.97
C PRO A 432 -9.91 4.27 8.80
N LEU A 433 -9.19 4.59 7.73
CA LEU A 433 -9.14 3.69 6.57
C LEU A 433 -8.45 2.38 6.93
N ALA A 434 -7.38 2.47 7.72
CA ALA A 434 -6.70 1.26 8.16
C ALA A 434 -7.61 0.40 9.01
N LEU A 435 -8.36 1.02 9.93
CA LEU A 435 -9.30 0.27 10.75
C LEU A 435 -10.35 -0.41 9.88
N GLN A 436 -10.92 0.31 8.92
CA GLN A 436 -11.95 -0.26 8.07
C GLN A 436 -11.40 -1.44 7.26
N ILE A 437 -10.23 -1.27 6.66
CA ILE A 437 -9.66 -2.33 5.83
C ILE A 437 -9.26 -3.52 6.68
N THR A 438 -8.77 -3.28 7.89
CA THR A 438 -8.43 -4.38 8.78
C THR A 438 -9.67 -5.16 9.19
N ASN A 439 -10.76 -4.46 9.50
CA ASN A 439 -12.00 -5.15 9.82
C ASN A 439 -12.51 -5.96 8.64
N ILE A 440 -12.42 -5.39 7.43
CA ILE A 440 -12.85 -6.13 6.25
C ILE A 440 -12.00 -7.38 6.04
N ALA A 441 -10.68 -7.25 6.18
CA ALA A 441 -9.78 -8.36 5.89
C ALA A 441 -9.70 -9.33 7.06
N GLY A 442 -9.57 -8.83 8.28
CA GLY A 442 -9.48 -9.67 9.45
C GLY A 442 -8.08 -9.96 9.95
N ASN A 443 -7.07 -9.27 9.42
CA ASN A 443 -5.69 -9.45 9.86
C ASN A 443 -5.39 -8.45 10.98
N VAL A 444 -4.12 -8.32 11.33
CA VAL A 444 -3.69 -7.39 12.37
C VAL A 444 -3.48 -6.01 11.74
N MET A 445 -3.72 -4.97 12.52
CA MET A 445 -3.71 -3.62 11.97
C MET A 445 -2.31 -3.18 11.58
N SER A 446 -1.30 -3.57 12.36
CA SER A 446 0.06 -3.16 12.03
C SER A 446 0.49 -3.69 10.68
N ARG A 447 0.19 -4.96 10.38
CA ARG A 447 0.50 -5.51 9.07
C ARG A 447 -0.23 -4.75 7.96
N THR A 448 -1.49 -4.40 8.21
CA THR A 448 -2.25 -3.64 7.21
C THR A 448 -1.59 -2.30 6.93
N LEU A 449 -1.17 -1.59 7.98
CA LEU A 449 -0.51 -0.31 7.80
C LEU A 449 0.90 -0.46 7.23
N MET A 450 1.49 -1.66 7.31
CA MET A 450 2.78 -1.90 6.69
C MET A 450 2.72 -1.90 5.17
N GLY A 451 1.52 -1.96 4.60
CA GLY A 451 1.35 -1.96 3.15
C GLY A 451 1.22 -3.37 2.60
N GLY A 452 0.84 -3.44 1.35
CA GLY A 452 0.71 -4.71 0.65
C GLY A 452 -0.72 -5.20 0.63
N ARG A 453 -1.06 -5.96 -0.41
CA ARG A 453 -2.40 -6.51 -0.58
C ARG A 453 -2.48 -8.01 -0.38
N SER A 454 -1.33 -8.71 -0.35
CA SER A 454 -1.39 -10.17 -0.29
C SER A 454 -1.96 -10.64 1.04
N GLU A 455 -1.46 -10.09 2.15
CA GLU A 455 -1.89 -10.57 3.47
C GLU A 455 -3.37 -10.28 3.71
N ARG A 456 -3.83 -9.11 3.27
CA ARG A 456 -5.24 -8.75 3.46
C ARG A 456 -6.16 -9.76 2.79
N ASN A 457 -5.95 -10.02 1.50
CA ASN A 457 -6.79 -10.98 0.80
C ASN A 457 -6.62 -12.38 1.35
N GLU A 458 -5.39 -12.76 1.71
CA GLU A 458 -5.15 -14.09 2.24
C GLU A 458 -5.93 -14.31 3.53
N TYR A 459 -5.91 -13.32 4.44
CA TYR A 459 -6.65 -13.46 5.69
C TYR A 459 -8.16 -13.39 5.45
N LEU A 460 -8.60 -12.55 4.51
CA LEU A 460 -10.02 -12.53 4.16
C LEU A 460 -10.49 -13.93 3.75
N LEU A 461 -9.75 -14.56 2.84
CA LEU A 461 -10.15 -15.88 2.37
C LEU A 461 -9.98 -16.94 3.46
N LEU A 462 -8.98 -16.79 4.32
CA LEU A 462 -8.85 -17.67 5.47
C LEU A 462 -10.11 -17.63 6.33
N HIS A 463 -10.55 -16.42 6.68
CA HIS A 463 -11.75 -16.29 7.50
C HIS A 463 -12.96 -16.87 6.78
N ALA A 464 -13.10 -16.57 5.49
CA ALA A 464 -14.27 -17.06 4.76
C ALA A 464 -14.31 -18.58 4.73
N PHE A 465 -13.22 -19.22 4.30
CA PHE A 465 -13.20 -20.66 4.15
C PHE A 465 -13.28 -21.38 5.49
N THR A 466 -12.58 -20.87 6.51
CA THR A 466 -12.60 -21.52 7.81
C THR A 466 -14.01 -21.57 8.39
N GLU A 467 -14.77 -20.48 8.28
CA GLU A 467 -16.12 -20.44 8.81
C GLU A 467 -17.10 -21.35 8.07
N ASN A 468 -16.70 -21.90 6.91
CA ASN A 468 -17.57 -22.75 6.12
C ASN A 468 -17.14 -24.22 6.15
N ASN A 469 -16.38 -24.62 7.17
CA ASN A 469 -15.99 -26.03 7.34
C ASN A 469 -15.05 -26.49 6.23
N PHE A 470 -13.99 -25.71 6.00
CA PHE A 470 -12.97 -26.03 5.01
C PHE A 470 -11.60 -26.06 5.67
N ILE A 471 -10.75 -26.96 5.21
CA ILE A 471 -9.35 -27.02 5.63
C ILE A 471 -8.55 -26.17 4.66
N VAL A 472 -7.99 -25.07 5.15
CA VAL A 472 -7.22 -24.15 4.32
C VAL A 472 -5.84 -24.72 4.03
N PRO A 473 -5.20 -24.35 2.93
CA PRO A 473 -3.86 -24.87 2.63
C PRO A 473 -2.83 -24.36 3.62
N ASP A 474 -1.79 -25.16 3.82
CA ASP A 474 -0.70 -24.78 4.72
C ASP A 474 0.01 -23.54 4.18
N LYS A 475 0.49 -22.71 5.09
CA LYS A 475 1.19 -21.50 4.69
C LYS A 475 2.42 -21.85 3.87
N PRO A 476 2.70 -21.13 2.79
CA PRO A 476 3.85 -21.47 1.94
C PRO A 476 5.15 -20.98 2.55
N VAL A 477 6.14 -21.86 2.62
CA VAL A 477 7.42 -21.52 3.22
C VAL A 477 8.38 -21.02 2.14
N ALA A 505 4.36 -12.77 -17.40
CA ALA A 505 2.99 -13.01 -17.84
C ALA A 505 2.70 -14.51 -17.89
N ALA A 506 2.40 -15.09 -16.72
CA ALA A 506 2.13 -16.52 -16.66
C ALA A 506 0.91 -16.89 -17.48
N TYR A 507 -0.04 -15.97 -17.63
CA TYR A 507 -1.27 -16.24 -18.36
C TYR A 507 -1.73 -14.97 -19.06
N ALA A 508 -2.62 -15.15 -20.03
CA ALA A 508 -3.12 -14.05 -20.82
C ALA A 508 -3.99 -13.12 -19.98
N GLY A 509 -4.08 -11.86 -20.42
CA GLY A 509 -4.81 -10.84 -19.69
C GLY A 509 -5.84 -10.16 -20.56
N GLY A 510 -6.08 -8.89 -20.27
CA GLY A 510 -7.11 -8.15 -20.97
C GLY A 510 -6.80 -7.91 -22.44
N LEU A 511 -7.86 -7.63 -23.18
CA LEU A 511 -7.80 -7.39 -24.62
C LEU A 511 -7.96 -5.90 -24.86
N VAL A 512 -7.01 -5.31 -25.60
CA VAL A 512 -7.01 -3.88 -25.88
C VAL A 512 -7.34 -3.68 -27.36
N LEU A 513 -8.42 -2.95 -27.63
CA LEU A 513 -8.86 -2.73 -29.00
C LEU A 513 -7.89 -1.81 -29.75
N GLU A 514 -7.77 -2.05 -31.04
CA GLU A 514 -6.88 -1.24 -31.88
C GLU A 514 -7.49 0.13 -32.08
N PRO A 515 -6.86 1.21 -31.65
CA PRO A 515 -7.48 2.54 -31.78
C PRO A 515 -7.50 3.01 -33.23
N LYS A 516 -8.44 3.92 -33.50
CA LYS A 516 -8.49 4.65 -34.77
C LYS A 516 -7.79 5.98 -34.53
N VAL A 517 -6.45 5.94 -34.49
CA VAL A 517 -5.68 7.10 -34.09
C VAL A 517 -6.07 8.30 -34.95
N GLY A 518 -6.17 9.45 -34.29
CA GLY A 518 -6.53 10.67 -34.99
C GLY A 518 -7.08 11.68 -34.01
N PHE A 519 -7.65 12.75 -34.57
CA PHE A 519 -8.29 13.81 -33.80
C PHE A 519 -9.77 13.87 -34.15
N TYR A 520 -10.62 13.81 -33.12
CA TYR A 520 -12.07 13.84 -33.27
C TYR A 520 -12.61 15.06 -32.56
N ASP A 521 -13.45 15.82 -33.26
CA ASP A 521 -13.99 17.08 -32.74
C ASP A 521 -15.45 16.99 -32.36
N LYS A 522 -16.12 15.87 -32.63
CA LYS A 522 -17.50 15.69 -32.25
C LYS A 522 -17.57 15.04 -30.87
N PHE A 523 -18.75 14.59 -30.46
CA PHE A 523 -18.95 14.08 -29.11
C PHE A 523 -18.62 12.59 -29.06
N ILE A 524 -17.73 12.21 -28.16
CA ILE A 524 -17.30 10.83 -27.96
C ILE A 524 -17.88 10.34 -26.65
N LEU A 525 -18.53 9.19 -26.70
CA LEU A 525 -19.26 8.64 -25.55
C LEU A 525 -18.52 7.43 -25.03
N LEU A 526 -18.12 7.48 -23.76
CA LEU A 526 -17.32 6.44 -23.14
C LEU A 526 -18.20 5.57 -22.26
N LEU A 527 -18.15 4.26 -22.48
CA LEU A 527 -18.89 3.28 -21.69
C LEU A 527 -17.88 2.39 -20.99
N ASP A 528 -18.02 2.24 -19.68
CA ASP A 528 -17.09 1.48 -18.87
C ASP A 528 -17.85 0.56 -17.94
N PHE A 529 -17.39 -0.67 -17.82
CA PHE A 529 -18.02 -1.61 -16.90
C PHE A 529 -17.70 -1.27 -15.45
N ASN A 530 -18.62 -1.63 -14.57
CA ASN A 530 -18.49 -1.41 -13.13
C ASN A 530 -17.97 -2.68 -12.49
N SER A 531 -16.80 -2.60 -11.86
CA SER A 531 -16.18 -3.73 -11.17
C SER A 531 -16.23 -4.99 -12.05
N LEU A 532 -15.54 -4.90 -13.18
CA LEU A 532 -15.70 -5.90 -14.24
C LEU A 532 -15.30 -7.29 -13.75
N TYR A 533 -14.16 -7.39 -13.05
CA TYR A 533 -13.66 -8.69 -12.66
C TYR A 533 -14.41 -9.20 -11.45
N PRO A 534 -14.67 -8.35 -10.43
CA PRO A 534 -15.62 -8.76 -9.38
C PRO A 534 -16.96 -9.19 -9.92
N SER A 535 -17.49 -8.46 -10.90
CA SER A 535 -18.80 -8.81 -11.46
C SER A 535 -18.73 -10.14 -12.21
N ILE A 536 -17.62 -10.40 -12.91
CA ILE A 536 -17.47 -11.68 -13.59
C ILE A 536 -17.42 -12.81 -12.58
N ILE A 537 -16.65 -12.62 -11.51
CA ILE A 537 -16.55 -13.65 -10.48
C ILE A 537 -17.92 -13.92 -9.87
N GLN A 538 -18.68 -12.86 -9.59
CA GLN A 538 -20.02 -13.05 -9.02
C GLN A 538 -20.94 -13.78 -9.99
N GLU A 539 -21.04 -13.28 -11.22
CA GLU A 539 -22.03 -13.81 -12.16
C GLU A 539 -21.71 -15.25 -12.54
N TYR A 540 -20.46 -15.52 -12.87
CA TYR A 540 -20.05 -16.84 -13.34
C TYR A 540 -19.69 -17.81 -12.23
N ASN A 541 -19.83 -17.40 -10.96
CA ASN A 541 -19.65 -18.30 -9.83
C ASN A 541 -18.26 -18.93 -9.84
N ILE A 542 -17.25 -18.11 -10.13
CA ILE A 542 -15.87 -18.58 -10.15
C ILE A 542 -15.36 -18.67 -8.71
N CYS A 543 -14.99 -19.88 -8.29
CA CYS A 543 -14.54 -20.11 -6.93
C CYS A 543 -13.70 -21.37 -6.90
N PHE A 544 -12.97 -21.55 -5.79
CA PHE A 544 -12.18 -22.76 -5.60
C PHE A 544 -13.08 -23.99 -5.56
N THR A 545 -14.32 -23.84 -5.09
CA THR A 545 -15.25 -24.94 -4.95
C THR A 545 -16.19 -25.07 -6.14
N THR A 546 -15.97 -24.32 -7.21
CA THR A 546 -16.86 -24.34 -8.36
C THR A 546 -16.16 -24.67 -9.68
N VAL A 547 -14.90 -24.30 -9.84
CA VAL A 547 -14.14 -24.59 -11.05
C VAL A 547 -13.28 -25.83 -10.80
N HIS A 548 -13.50 -26.87 -11.61
CA HIS A 548 -12.77 -28.12 -11.48
C HIS A 548 -11.46 -28.01 -12.26
N ARG A 549 -10.40 -27.64 -11.56
CA ARG A 549 -9.10 -27.44 -12.20
C ARG A 549 -8.45 -28.80 -12.46
N GLU A 550 -7.17 -28.77 -12.84
CA GLU A 550 -6.44 -30.01 -13.12
C GLU A 550 -4.95 -29.73 -12.99
N ALA A 551 -4.28 -30.46 -12.10
CA ALA A 551 -2.86 -30.29 -11.89
C ALA A 551 -2.05 -31.28 -12.74
N ASP A 561 -1.35 -25.01 -19.98
CA ASP A 561 -2.07 -23.81 -19.61
C ASP A 561 -3.38 -23.70 -20.38
N GLU A 562 -4.35 -24.52 -20.00
CA GLU A 562 -5.67 -24.55 -20.64
C GLU A 562 -6.70 -23.93 -19.72
N ILE A 563 -7.56 -23.09 -20.28
CA ILE A 563 -8.60 -22.41 -19.51
C ILE A 563 -9.61 -23.45 -19.01
N PRO A 564 -9.81 -23.60 -17.71
CA PRO A 564 -10.74 -24.62 -17.23
C PRO A 564 -12.18 -24.30 -17.63
N GLU A 565 -13.00 -25.34 -17.64
CA GLU A 565 -14.39 -25.20 -18.04
C GLU A 565 -15.14 -24.31 -17.04
N LEU A 566 -16.17 -23.63 -17.54
CA LEU A 566 -16.98 -22.79 -16.67
C LEU A 566 -17.78 -23.64 -15.69
N PRO A 567 -18.05 -23.13 -14.50
CA PRO A 567 -18.86 -23.90 -13.55
C PRO A 567 -20.29 -24.03 -14.02
N HIS A 568 -20.94 -25.11 -13.58
CA HIS A 568 -22.33 -25.33 -13.94
C HIS A 568 -23.25 -24.36 -13.20
N SER A 569 -24.32 -23.94 -13.87
CA SER A 569 -25.26 -22.99 -13.28
C SER A 569 -26.10 -23.63 -12.17
N ASP A 570 -26.02 -24.94 -11.99
CA ASP A 570 -26.79 -25.59 -10.93
C ASP A 570 -26.20 -25.35 -9.56
N LEU A 571 -24.88 -25.22 -9.45
CA LEU A 571 -24.23 -25.12 -8.16
C LEU A 571 -24.59 -23.83 -7.46
N GLU A 572 -24.57 -23.87 -6.13
CA GLU A 572 -24.81 -22.68 -5.31
C GLU A 572 -23.59 -21.76 -5.34
N MET A 573 -23.84 -20.48 -5.06
CA MET A 573 -22.77 -19.49 -5.04
C MET A 573 -21.65 -19.92 -4.10
N GLY A 574 -20.40 -19.75 -4.56
CA GLY A 574 -19.25 -20.13 -3.78
C GLY A 574 -18.83 -19.06 -2.79
N ILE A 575 -17.75 -19.37 -2.07
CA ILE A 575 -17.26 -18.47 -1.03
C ILE A 575 -16.70 -17.18 -1.66
N LEU A 576 -15.85 -17.32 -2.67
CA LEU A 576 -15.25 -16.14 -3.28
C LEU A 576 -16.28 -15.20 -3.90
N PRO A 577 -17.28 -15.68 -4.65
CA PRO A 577 -18.32 -14.75 -5.09
C PRO A 577 -18.99 -14.00 -3.94
N ARG A 578 -19.24 -14.68 -2.81
CA ARG A 578 -19.88 -14.02 -1.69
C ARG A 578 -18.99 -12.90 -1.12
N GLU A 579 -17.72 -13.22 -0.87
CA GLU A 579 -16.83 -12.21 -0.32
C GLU A 579 -16.65 -11.03 -1.27
N ILE A 580 -16.45 -11.32 -2.56
CA ILE A 580 -16.24 -10.24 -3.51
C ILE A 580 -17.52 -9.43 -3.69
N ARG A 581 -18.68 -10.08 -3.59
CA ARG A 581 -19.94 -9.35 -3.64
C ARG A 581 -20.06 -8.41 -2.45
N LYS A 582 -19.64 -8.86 -1.26
CA LYS A 582 -19.66 -7.98 -0.10
C LYS A 582 -18.77 -6.76 -0.33
N LEU A 583 -17.57 -6.99 -0.86
CA LEU A 583 -16.66 -5.88 -1.13
C LEU A 583 -17.27 -4.91 -2.15
N VAL A 584 -17.86 -5.45 -3.22
CA VAL A 584 -18.45 -4.62 -4.26
C VAL A 584 -19.62 -3.82 -3.71
N GLU A 585 -20.42 -4.44 -2.85
CA GLU A 585 -21.55 -3.74 -2.25
C GLU A 585 -21.08 -2.60 -1.36
N ARG A 586 -20.01 -2.84 -0.59
CA ARG A 586 -19.47 -1.76 0.24
C ARG A 586 -18.99 -0.60 -0.64
N ARG A 587 -18.27 -0.91 -1.72
CA ARG A 587 -17.81 0.15 -2.61
C ARG A 587 -18.99 0.89 -3.24
N ARG A 588 -20.03 0.16 -3.64
CA ARG A 588 -21.20 0.81 -4.24
C ARG A 588 -21.90 1.72 -3.23
N HIS A 589 -21.98 1.28 -1.97
CA HIS A 589 -22.56 2.13 -0.94
C HIS A 589 -21.75 3.40 -0.78
N VAL A 590 -20.43 3.29 -0.74
CA VAL A 590 -19.60 4.48 -0.61
C VAL A 590 -19.80 5.42 -1.80
N LYS A 591 -19.84 4.85 -3.01
CA LYS A 591 -20.03 5.69 -4.19
C LYS A 591 -21.37 6.40 -4.16
N GLN A 592 -22.44 5.69 -3.77
CA GLN A 592 -23.75 6.33 -3.66
C GLN A 592 -23.72 7.43 -2.62
N LEU A 593 -23.08 7.19 -1.48
CA LEU A 593 -22.94 8.24 -0.48
C LEU A 593 -22.18 9.44 -1.03
N MET A 594 -21.27 9.21 -1.99
CA MET A 594 -20.55 10.32 -2.60
C MET A 594 -21.46 11.21 -3.44
N LYS A 595 -22.50 10.64 -4.04
CA LYS A 595 -23.37 11.40 -4.93
C LYS A 595 -24.19 12.46 -4.20
N GLN A 596 -24.18 12.47 -2.87
CA GLN A 596 -24.98 13.43 -2.12
C GLN A 596 -24.59 14.85 -2.51
N PRO A 597 -25.54 15.72 -2.83
CA PRO A 597 -25.19 17.09 -3.20
C PRO A 597 -24.74 17.90 -1.99
N ASP A 598 -23.94 18.93 -2.26
CA ASP A 598 -23.48 19.85 -1.22
C ASP A 598 -22.69 19.12 -0.14
N LEU A 599 -21.59 18.51 -0.56
CA LEU A 599 -20.67 17.80 0.33
C LEU A 599 -19.39 18.60 0.48
N ASN A 600 -18.82 18.57 1.69
CA ASN A 600 -17.56 19.23 1.94
C ASN A 600 -16.49 18.67 1.00
N PRO A 601 -15.75 19.52 0.29
CA PRO A 601 -14.74 18.98 -0.64
C PRO A 601 -13.74 18.05 0.02
N ASP A 602 -13.33 18.34 1.27
CA ASP A 602 -12.42 17.43 1.96
C ASP A 602 -13.09 16.09 2.22
N LEU A 603 -14.34 16.10 2.67
CA LEU A 603 -15.08 14.85 2.86
C LEU A 603 -15.27 14.13 1.53
N TYR A 604 -15.49 14.89 0.45
CA TYR A 604 -15.62 14.28 -0.87
C TYR A 604 -14.33 13.56 -1.26
N LEU A 605 -13.18 14.19 -1.03
CA LEU A 605 -11.91 13.56 -1.35
C LEU A 605 -11.68 12.33 -0.47
N GLN A 606 -12.05 12.40 0.81
CA GLN A 606 -11.92 11.23 1.67
C GLN A 606 -12.78 10.08 1.17
N TYR A 607 -14.02 10.37 0.77
CA TYR A 607 -14.88 9.31 0.23
C TYR A 607 -14.30 8.74 -1.05
N ASP A 608 -13.74 9.61 -1.91
CA ASP A 608 -13.13 9.12 -3.14
C ASP A 608 -11.95 8.20 -2.84
N ILE A 609 -11.12 8.57 -1.87
CA ILE A 609 -9.98 7.74 -1.50
C ILE A 609 -10.46 6.40 -0.97
N ARG A 610 -11.50 6.41 -0.13
CA ARG A 610 -12.03 5.17 0.41
C ARG A 610 -12.59 4.27 -0.70
N GLN A 611 -13.32 4.87 -1.65
CA GLN A 611 -13.86 4.09 -2.76
C GLN A 611 -12.74 3.49 -3.61
N LYS A 612 -11.69 4.27 -3.88
CA LYS A 612 -10.56 3.74 -4.63
C LYS A 612 -9.88 2.62 -3.87
N ALA A 613 -9.77 2.75 -2.55
CA ALA A 613 -9.16 1.69 -1.74
C ALA A 613 -9.98 0.42 -1.82
N LEU A 614 -11.31 0.53 -1.75
CA LEU A 614 -12.16 -0.66 -1.87
C LEU A 614 -12.04 -1.29 -3.26
N LYS A 615 -12.01 -0.46 -4.31
CA LYS A 615 -11.81 -0.97 -5.66
C LYS A 615 -10.50 -1.75 -5.75
N LEU A 616 -9.43 -1.18 -5.20
CA LEU A 616 -8.14 -1.86 -5.25
C LEU A 616 -8.15 -3.11 -4.41
N THR A 617 -8.89 -3.13 -3.31
CA THR A 617 -8.99 -4.35 -2.49
C THR A 617 -9.66 -5.47 -3.29
N ALA A 618 -10.75 -5.15 -3.99
CA ALA A 618 -11.40 -6.17 -4.81
C ALA A 618 -10.49 -6.64 -5.95
N ASN A 619 -9.81 -5.69 -6.60
CA ASN A 619 -8.93 -6.06 -7.71
C ASN A 619 -7.77 -6.91 -7.21
N SER A 620 -7.26 -6.63 -6.01
CA SER A 620 -6.21 -7.46 -5.43
C SER A 620 -6.75 -8.82 -5.02
N MET A 621 -8.00 -8.90 -4.57
CA MET A 621 -8.61 -10.20 -4.33
C MET A 621 -8.62 -11.03 -5.61
N TYR A 622 -8.93 -10.40 -6.74
CA TYR A 622 -8.83 -11.09 -8.02
C TYR A 622 -7.37 -11.49 -8.29
N GLY A 623 -6.45 -10.55 -8.13
CA GLY A 623 -5.09 -10.77 -8.57
C GLY A 623 -4.35 -11.84 -7.78
N CYS A 624 -4.62 -11.92 -6.48
CA CYS A 624 -3.91 -12.90 -5.65
C CYS A 624 -4.19 -14.34 -6.07
N LEU A 625 -5.26 -14.57 -6.84
CA LEU A 625 -5.43 -15.88 -7.45
C LEU A 625 -4.30 -16.21 -8.41
N GLY A 626 -3.69 -15.19 -9.02
CA GLY A 626 -2.59 -15.40 -9.92
C GLY A 626 -1.26 -14.95 -9.35
N PHE A 627 -1.07 -15.16 -8.04
CA PHE A 627 0.16 -14.82 -7.35
C PHE A 627 0.87 -16.12 -6.98
N SER A 628 2.10 -16.29 -7.47
CA SER A 628 2.78 -17.57 -7.34
C SER A 628 3.04 -17.93 -5.89
N TYR A 629 3.35 -16.93 -5.06
CA TYR A 629 3.70 -17.15 -3.67
C TYR A 629 2.51 -17.06 -2.73
N SER A 630 1.31 -16.83 -3.25
CA SER A 630 0.14 -16.69 -2.41
C SER A 630 -0.29 -18.04 -1.83
N ARG A 631 -0.98 -17.98 -0.69
CA ARG A 631 -1.51 -19.19 -0.07
C ARG A 631 -2.58 -19.85 -0.95
N PHE A 632 -3.29 -19.07 -1.75
CA PHE A 632 -4.38 -19.53 -2.59
C PHE A 632 -4.05 -19.33 -4.06
N TYR A 633 -2.83 -19.64 -4.47
CA TYR A 633 -2.44 -19.52 -5.87
C TYR A 633 -3.26 -20.46 -6.72
N ALA A 634 -4.11 -19.88 -7.58
CA ALA A 634 -5.09 -20.64 -8.36
C ALA A 634 -5.09 -20.13 -9.80
N LYS A 635 -3.89 -20.07 -10.39
CA LYS A 635 -3.67 -19.55 -11.73
C LYS A 635 -4.78 -19.93 -12.70
N PRO A 636 -5.28 -21.19 -12.69
CA PRO A 636 -6.42 -21.49 -13.57
C PRO A 636 -7.62 -20.59 -13.35
N LEU A 637 -7.91 -20.24 -12.09
CA LEU A 637 -9.04 -19.35 -11.83
C LEU A 637 -8.80 -17.97 -12.43
N ALA A 638 -7.59 -17.43 -12.27
CA ALA A 638 -7.28 -16.12 -12.84
C ALA A 638 -7.37 -16.17 -14.37
N ALA A 639 -6.87 -17.25 -14.97
CA ALA A 639 -6.95 -17.39 -16.42
C ALA A 639 -8.39 -17.44 -16.88
N LEU A 640 -9.24 -18.17 -16.15
CA LEU A 640 -10.67 -18.21 -16.50
C LEU A 640 -11.29 -16.82 -16.39
N VAL A 641 -10.96 -16.08 -15.33
CA VAL A 641 -11.51 -14.74 -15.15
C VAL A 641 -11.11 -13.85 -16.31
N THR A 642 -9.82 -13.85 -16.65
CA THR A 642 -9.35 -12.99 -17.73
C THR A 642 -9.94 -13.41 -19.08
N HIS A 643 -10.10 -14.73 -19.29
CA HIS A 643 -10.70 -15.20 -20.54
C HIS A 643 -12.15 -14.74 -20.65
N GLN A 644 -12.90 -14.82 -19.56
CA GLN A 644 -14.28 -14.33 -19.57
C GLN A 644 -14.32 -12.82 -19.77
N GLY A 645 -13.36 -12.10 -19.20
CA GLY A 645 -13.30 -10.66 -19.44
C GLY A 645 -13.08 -10.34 -20.91
N ARG A 646 -12.14 -11.05 -21.54
CA ARG A 646 -11.89 -10.84 -22.95
C ARG A 646 -13.12 -11.18 -23.78
N GLU A 647 -13.77 -12.30 -23.47
CA GLU A 647 -14.98 -12.67 -24.20
C GLU A 647 -16.06 -11.62 -24.04
N ILE A 648 -16.23 -11.08 -22.83
CA ILE A 648 -17.24 -10.05 -22.61
C ILE A 648 -16.93 -8.80 -23.42
N LEU A 649 -15.66 -8.37 -23.42
CA LEU A 649 -15.30 -7.18 -24.17
C LEU A 649 -15.51 -7.39 -25.65
N LEU A 650 -15.13 -8.56 -26.17
CA LEU A 650 -15.33 -8.86 -27.59
C LEU A 650 -16.81 -8.87 -27.94
N HIS A 651 -17.64 -9.48 -27.10
CA HIS A 651 -19.07 -9.52 -27.36
C HIS A 651 -19.67 -8.11 -27.33
N THR A 652 -19.24 -7.28 -26.38
CA THR A 652 -19.76 -5.92 -26.31
C THR A 652 -19.35 -5.12 -27.54
N LYS A 653 -18.10 -5.27 -27.99
CA LYS A 653 -17.66 -4.61 -29.22
C LYS A 653 -18.50 -5.07 -30.41
N GLU A 654 -18.73 -6.38 -30.52
CA GLU A 654 -19.52 -6.90 -31.62
C GLU A 654 -20.95 -6.36 -31.58
N MET A 655 -21.54 -6.31 -30.39
CA MET A 655 -22.90 -5.78 -30.26
C MET A 655 -22.96 -4.31 -30.67
N VAL A 656 -22.01 -3.51 -30.19
CA VAL A 656 -22.03 -2.08 -30.50
C VAL A 656 -21.82 -1.86 -31.98
N GLN A 657 -20.89 -2.60 -32.59
CA GLN A 657 -20.69 -2.45 -34.04
C GLN A 657 -21.92 -2.90 -34.80
N LYS A 658 -22.58 -3.97 -34.36
CA LYS A 658 -23.82 -4.42 -34.99
C LYS A 658 -24.95 -3.41 -34.82
N MET A 659 -24.78 -2.43 -33.93
CA MET A 659 -25.76 -1.38 -33.71
C MET A 659 -25.59 -0.21 -34.66
N ASN A 660 -24.68 -0.32 -35.63
CA ASN A 660 -24.41 0.75 -36.59
C ASN A 660 -23.72 1.94 -35.91
N LEU A 661 -22.85 1.67 -34.96
CA LEU A 661 -22.09 2.70 -34.26
C LEU A 661 -20.59 2.45 -34.43
N GLU A 662 -19.82 3.53 -34.32
CA GLU A 662 -18.38 3.48 -34.52
C GLU A 662 -17.67 3.24 -33.20
N VAL A 663 -16.75 2.28 -33.18
CA VAL A 663 -15.96 1.96 -31.98
C VAL A 663 -14.51 2.28 -32.27
N ILE A 664 -13.92 3.12 -31.42
CA ILE A 664 -12.61 3.69 -31.69
C ILE A 664 -11.57 3.39 -30.62
N TYR A 665 -11.95 2.80 -29.49
CA TYR A 665 -10.98 2.47 -28.45
C TYR A 665 -11.68 1.65 -27.38
N GLY A 666 -10.87 0.92 -26.60
CA GLY A 666 -11.38 0.14 -25.48
C GLY A 666 -10.25 -0.59 -24.78
N ASP A 667 -10.22 -0.57 -23.44
CA ASP A 667 -9.12 -1.16 -22.68
C ASP A 667 -9.69 -2.10 -21.61
N THR A 668 -10.00 -3.32 -22.05
CA THR A 668 -10.26 -4.46 -21.18
C THR A 668 -11.58 -4.38 -20.43
N ASP A 669 -12.21 -3.20 -20.37
CA ASP A 669 -13.57 -3.13 -19.88
C ASP A 669 -14.39 -2.00 -20.48
N SER A 670 -13.85 -1.24 -21.44
CA SER A 670 -14.46 0.02 -21.85
C SER A 670 -14.53 0.10 -23.37
N ILE A 671 -15.41 0.97 -23.86
CA ILE A 671 -15.56 1.22 -25.29
C ILE A 671 -15.72 2.72 -25.50
N MET A 672 -15.03 3.25 -26.51
CA MET A 672 -15.20 4.63 -26.94
C MET A 672 -15.96 4.66 -28.25
N ILE A 673 -17.02 5.48 -28.30
CA ILE A 673 -17.91 5.55 -29.44
C ILE A 673 -17.91 6.97 -29.96
N ASN A 674 -17.75 7.13 -31.28
CA ASN A 674 -17.83 8.43 -31.93
C ASN A 674 -19.29 8.66 -32.32
N THR A 675 -19.95 9.57 -31.60
CA THR A 675 -21.36 9.83 -31.84
C THR A 675 -21.62 10.54 -33.16
N ASN A 676 -20.64 11.27 -33.69
CA ASN A 676 -20.82 12.06 -34.90
C ASN A 676 -21.96 13.05 -34.76
N CYS A 677 -22.17 13.55 -33.53
CA CYS A 677 -23.22 14.52 -33.23
C CYS A 677 -22.61 15.71 -32.51
N ASN A 678 -23.31 16.84 -32.59
CA ASN A 678 -22.91 18.05 -31.88
C ASN A 678 -23.87 18.45 -30.77
N ASN A 679 -25.02 17.79 -30.63
CA ASN A 679 -25.99 18.11 -29.60
C ASN A 679 -25.81 17.14 -28.44
N LEU A 680 -25.76 17.67 -27.21
CA LEU A 680 -25.47 16.85 -26.05
C LEU A 680 -26.65 15.99 -25.63
N GLU A 681 -27.88 16.51 -25.78
CA GLU A 681 -29.06 15.74 -25.37
C GLU A 681 -29.17 14.44 -26.16
N GLU A 682 -28.96 14.51 -27.48
CA GLU A 682 -28.98 13.30 -28.29
C GLU A 682 -27.87 12.35 -27.89
N VAL A 683 -26.70 12.88 -27.52
CA VAL A 683 -25.60 12.04 -27.08
C VAL A 683 -26.00 11.26 -25.84
N PHE A 684 -26.60 11.95 -24.87
CA PHE A 684 -27.04 11.27 -23.64
C PHE A 684 -28.14 10.25 -23.94
N LYS A 685 -29.08 10.59 -24.81
CA LYS A 685 -30.14 9.65 -25.16
C LYS A 685 -29.58 8.38 -25.79
N LEU A 686 -28.69 8.53 -26.78
CA LEU A 686 -28.09 7.37 -27.41
C LEU A 686 -27.25 6.57 -26.43
N GLY A 687 -26.52 7.26 -25.55
CA GLY A 687 -25.74 6.56 -24.55
C GLY A 687 -26.61 5.71 -23.64
N ASN A 688 -27.73 6.28 -23.18
CA ASN A 688 -28.64 5.51 -22.34
C ASN A 688 -29.22 4.32 -23.09
N ARG A 689 -29.61 4.53 -24.35
CA ARG A 689 -30.16 3.45 -25.15
C ARG A 689 -29.16 2.30 -25.27
N VAL A 690 -27.92 2.62 -25.65
CA VAL A 690 -26.93 1.58 -25.89
C VAL A 690 -26.55 0.91 -24.57
N LYS A 691 -26.46 1.68 -23.48
CA LYS A 691 -26.15 1.08 -22.19
C LYS A 691 -27.23 0.11 -21.76
N SER A 692 -28.50 0.48 -21.95
CA SER A 692 -29.58 -0.45 -21.62
C SER A 692 -29.51 -1.70 -22.48
N GLU A 693 -29.27 -1.53 -23.78
CA GLU A 693 -29.19 -2.68 -24.67
C GLU A 693 -28.08 -3.62 -24.26
N ILE A 694 -26.91 -3.08 -23.91
CA ILE A 694 -25.80 -3.93 -23.50
C ILE A 694 -26.11 -4.61 -22.17
N ASN A 695 -26.65 -3.86 -21.20
CA ASN A 695 -26.95 -4.45 -19.90
C ASN A 695 -28.03 -5.51 -19.97
N LYS A 696 -28.88 -5.48 -21.01
CA LYS A 696 -29.97 -6.45 -21.11
C LYS A 696 -29.48 -7.88 -21.15
N SER A 697 -28.22 -8.12 -21.52
CA SER A 697 -27.71 -9.46 -21.73
C SER A 697 -26.99 -10.04 -20.51
N TYR A 698 -27.02 -9.36 -19.37
CA TYR A 698 -26.27 -9.80 -18.20
C TYR A 698 -27.12 -9.68 -16.95
N LYS A 699 -26.76 -10.47 -15.93
CA LYS A 699 -27.50 -10.52 -14.68
C LYS A 699 -26.92 -9.57 -13.63
N LEU A 700 -25.60 -9.51 -13.50
CA LEU A 700 -24.95 -8.62 -12.56
C LEU A 700 -24.08 -7.55 -13.22
N LEU A 701 -23.46 -7.85 -14.36
CA LEU A 701 -22.61 -6.88 -15.03
C LEU A 701 -23.45 -5.70 -15.51
N GLU A 702 -22.98 -4.48 -15.24
CA GLU A 702 -23.66 -3.26 -15.64
C GLU A 702 -22.67 -2.35 -16.36
N ILE A 703 -23.17 -1.63 -17.36
CA ILE A 703 -22.39 -0.68 -18.13
C ILE A 703 -22.90 0.73 -17.84
N ASP A 704 -21.98 1.64 -17.56
CA ASP A 704 -22.31 3.00 -17.17
C ASP A 704 -21.57 3.99 -18.07
N ILE A 705 -22.20 5.13 -18.31
CA ILE A 705 -21.59 6.15 -19.16
C ILE A 705 -20.49 6.83 -18.35
N ASP A 706 -19.24 6.58 -18.74
CA ASP A 706 -18.11 7.09 -17.96
C ASP A 706 -17.92 8.58 -18.16
N GLY A 707 -18.04 9.06 -19.39
CA GLY A 707 -17.90 10.47 -19.66
C GLY A 707 -18.18 10.77 -21.11
N ILE A 708 -18.47 12.03 -21.38
CA ILE A 708 -18.70 12.53 -22.73
C ILE A 708 -17.60 13.51 -23.08
N PHE A 709 -16.82 13.19 -24.12
CA PHE A 709 -15.69 14.02 -24.54
C PHE A 709 -16.12 14.88 -25.72
N LYS A 710 -16.00 16.20 -25.56
CA LYS A 710 -16.31 17.10 -26.67
C LYS A 710 -15.27 16.98 -27.78
N SER A 711 -14.00 16.81 -27.42
CA SER A 711 -12.93 16.60 -28.38
C SER A 711 -11.96 15.57 -27.80
N LEU A 712 -11.33 14.81 -28.69
CA LEU A 712 -10.42 13.75 -28.30
C LEU A 712 -9.19 13.76 -29.20
N LEU A 713 -8.07 13.30 -28.66
CA LEU A 713 -6.81 13.16 -29.40
C LEU A 713 -6.29 11.75 -29.17
N LEU A 714 -6.73 10.82 -30.02
CA LEU A 714 -6.35 9.41 -29.89
C LEU A 714 -4.99 9.20 -30.56
N LEU A 715 -3.96 8.94 -29.76
CA LEU A 715 -2.60 8.79 -30.26
C LEU A 715 -2.19 7.32 -30.38
N LYS A 716 -2.22 6.59 -29.26
CA LYS A 716 -1.85 5.19 -29.25
C LYS A 716 -2.72 4.47 -28.22
N LYS A 717 -2.38 3.22 -27.92
CA LYS A 717 -3.04 2.50 -26.84
C LYS A 717 -2.65 3.12 -25.50
N LYS A 718 -3.65 3.41 -24.68
CA LYS A 718 -3.44 3.99 -23.35
C LYS A 718 -2.78 5.37 -23.44
N LYS A 719 -3.13 6.14 -24.48
CA LYS A 719 -2.56 7.49 -24.64
C LYS A 719 -3.57 8.34 -25.40
N TYR A 720 -4.27 9.22 -24.68
CA TYR A 720 -5.20 10.13 -25.32
C TYR A 720 -5.45 11.31 -24.40
N ALA A 721 -5.92 12.41 -25.00
CA ALA A 721 -6.33 13.61 -24.28
C ALA A 721 -7.74 13.98 -24.73
N ALA A 722 -8.55 14.47 -23.78
CA ALA A 722 -9.93 14.77 -24.10
C ALA A 722 -10.40 15.96 -23.27
N LEU A 723 -11.45 16.61 -23.77
CA LEU A 723 -12.14 17.69 -23.06
C LEU A 723 -13.43 17.12 -22.47
N THR A 724 -13.30 16.53 -21.29
CA THR A 724 -14.45 15.91 -20.65
C THR A 724 -15.54 16.95 -20.42
N VAL A 725 -16.78 16.56 -20.63
CA VAL A 725 -17.94 17.42 -20.47
C VAL A 725 -18.73 16.94 -19.25
N GLU A 726 -18.96 17.85 -18.30
CA GLU A 726 -19.77 17.55 -17.13
C GLU A 726 -20.95 18.54 -17.10
N PRO A 727 -22.16 18.10 -17.44
CA PRO A 727 -23.26 19.07 -17.56
C PRO A 727 -23.53 19.79 -16.25
N THR A 728 -23.80 21.10 -16.36
CA THR A 728 -24.12 21.92 -15.21
C THR A 728 -25.62 22.12 -15.01
N GLY A 729 -26.41 22.04 -16.08
CA GLY A 729 -27.84 22.18 -15.99
C GLY A 729 -28.38 23.20 -16.96
N ASP A 730 -29.65 23.05 -17.36
CA ASP A 730 -30.30 24.00 -18.27
C ASP A 730 -29.52 24.11 -19.58
N GLY A 731 -28.96 22.99 -20.04
CA GLY A 731 -28.17 22.96 -21.25
C GLY A 731 -26.77 23.51 -21.11
N LYS A 732 -26.38 23.92 -19.91
CA LYS A 732 -25.05 24.46 -19.66
C LYS A 732 -24.13 23.35 -19.15
N TYR A 733 -22.96 23.22 -19.76
CA TYR A 733 -22.00 22.20 -19.40
C TYR A 733 -20.63 22.82 -19.23
N VAL A 734 -19.80 22.17 -18.43
CA VAL A 734 -18.44 22.61 -18.14
C VAL A 734 -17.46 21.62 -18.75
N THR A 735 -16.43 22.13 -19.41
CA THR A 735 -15.46 21.31 -20.11
C THR A 735 -14.20 21.18 -19.25
N LYS A 736 -13.80 19.93 -18.99
CA LYS A 736 -12.62 19.65 -18.18
C LYS A 736 -11.63 18.86 -19.02
N GLN A 737 -10.37 19.30 -19.01
CA GLN A 737 -9.31 18.56 -19.69
C GLN A 737 -9.06 17.23 -18.99
N GLU A 738 -8.59 16.25 -19.75
CA GLU A 738 -8.32 14.92 -19.20
C GLU A 738 -7.23 14.28 -20.04
N LEU A 739 -6.07 14.03 -19.44
CA LEU A 739 -4.96 13.37 -20.11
C LEU A 739 -4.76 11.99 -19.50
N LYS A 740 -4.53 11.00 -20.36
CA LYS A 740 -4.37 9.62 -19.94
C LYS A 740 -3.14 9.03 -20.63
N GLY A 741 -2.11 8.73 -19.85
CA GLY A 741 -0.95 8.01 -20.34
C GLY A 741 0.04 8.83 -21.14
N LEU A 742 -0.28 10.08 -21.46
CA LEU A 742 0.64 10.90 -22.24
C LEU A 742 1.92 11.13 -21.43
N ASP A 743 2.95 11.64 -22.13
CA ASP A 743 4.18 11.99 -21.44
C ASP A 743 4.02 13.21 -20.55
N ILE A 744 2.96 14.00 -20.77
CA ILE A 744 2.72 15.16 -19.91
C ILE A 744 2.31 14.74 -18.51
N VAL A 745 1.88 13.50 -18.32
CA VAL A 745 1.37 13.03 -17.03
C VAL A 745 2.33 12.00 -16.47
N ARG A 746 3.60 12.08 -16.85
CA ARG A 746 4.64 11.18 -16.36
C ARG A 746 5.74 11.97 -15.68
N ARG A 747 6.20 11.47 -14.54
CA ARG A 747 7.21 12.16 -13.75
C ARG A 747 8.61 12.07 -14.37
N ASP A 748 8.79 11.26 -15.40
CA ASP A 748 10.10 11.07 -16.01
C ASP A 748 10.39 12.06 -17.15
N TRP A 749 9.72 13.20 -17.17
CA TRP A 749 9.99 14.25 -18.16
C TRP A 749 10.10 15.60 -17.46
N CYS A 750 10.97 16.45 -18.01
CA CYS A 750 11.19 17.76 -17.41
C CYS A 750 9.93 18.61 -17.49
N GLU A 751 9.75 19.47 -16.47
CA GLU A 751 8.55 20.27 -16.39
C GLU A 751 8.41 21.23 -17.56
N LEU A 752 9.53 21.61 -18.20
CA LEU A 752 9.45 22.42 -19.41
C LEU A 752 8.75 21.66 -20.53
N ALA A 753 9.12 20.40 -20.75
CA ALA A 753 8.44 19.59 -21.75
C ALA A 753 6.97 19.41 -21.39
N LYS A 754 6.68 19.18 -20.12
CA LYS A 754 5.29 19.01 -19.70
C LYS A 754 4.48 20.27 -19.99
N GLN A 755 5.05 21.44 -19.68
CA GLN A 755 4.35 22.70 -19.94
C GLN A 755 4.12 22.91 -21.44
N ALA A 756 5.14 22.65 -22.25
CA ALA A 756 4.99 22.81 -23.69
C ALA A 756 3.90 21.88 -24.22
N GLY A 757 3.93 20.62 -23.79
CA GLY A 757 2.93 19.67 -24.25
C GLY A 757 1.54 20.03 -23.78
N ASN A 758 1.42 20.52 -22.55
CA ASN A 758 0.11 20.94 -22.05
C ASN A 758 -0.45 22.09 -22.86
N TYR A 759 0.39 23.10 -23.16
CA TYR A 759 -0.07 24.21 -23.98
C TYR A 759 -0.47 23.72 -25.37
N VAL A 760 0.33 22.84 -25.96
CA VAL A 760 0.02 22.35 -27.30
C VAL A 760 -1.30 21.57 -27.29
N ILE A 761 -1.50 20.73 -26.28
CA ILE A 761 -2.73 19.96 -26.18
C ILE A 761 -3.92 20.89 -25.98
N SER A 762 -3.77 21.90 -25.13
CA SER A 762 -4.87 22.84 -24.91
C SER A 762 -5.24 23.57 -26.20
N GLN A 763 -4.24 23.99 -26.98
CA GLN A 763 -4.53 24.63 -28.25
C GLN A 763 -5.20 23.66 -29.21
N ILE A 764 -4.71 22.43 -29.28
CA ILE A 764 -5.24 21.46 -30.24
C ILE A 764 -6.68 21.10 -29.90
N LEU A 765 -7.00 21.03 -28.61
CA LEU A 765 -8.35 20.67 -28.17
C LEU A 765 -9.31 21.84 -28.18
N SER A 766 -8.83 23.06 -28.37
CA SER A 766 -9.71 24.22 -28.38
C SER A 766 -10.55 24.25 -29.65
N ASP A 767 -11.52 25.16 -29.68
CA ASP A 767 -12.42 25.32 -30.80
C ASP A 767 -11.94 26.36 -31.81
N GLN A 768 -10.72 26.88 -31.63
CA GLN A 768 -10.20 27.88 -32.55
C GLN A 768 -10.00 27.26 -33.94
N PRO A 769 -10.01 28.08 -34.99
CA PRO A 769 -9.71 27.55 -36.33
C PRO A 769 -8.32 26.96 -36.38
N ARG A 770 -8.16 25.96 -37.26
CA ARG A 770 -6.91 25.20 -37.26
C ARG A 770 -5.71 26.08 -37.55
N ASP A 771 -5.86 27.04 -38.47
CA ASP A 771 -4.74 27.91 -38.81
C ASP A 771 -4.27 28.69 -37.59
N SER A 772 -5.20 29.23 -36.82
CA SER A 772 -4.83 29.96 -35.61
C SER A 772 -4.16 29.04 -34.60
N ILE A 773 -4.63 27.79 -34.51
CA ILE A 773 -4.03 26.83 -33.59
C ILE A 773 -2.57 26.58 -33.97
N VAL A 774 -2.32 26.36 -35.27
CA VAL A 774 -0.96 26.10 -35.71
C VAL A 774 -0.08 27.31 -35.50
N GLU A 775 -0.62 28.51 -35.76
CA GLU A 775 0.17 29.72 -35.55
C GLU A 775 0.52 29.90 -34.08
N ASN A 776 -0.43 29.66 -33.19
CA ASN A 776 -0.16 29.77 -31.75
C ASN A 776 0.86 28.74 -31.30
N ILE A 777 0.77 27.51 -31.83
CA ILE A 777 1.75 26.49 -31.49
C ILE A 777 3.14 26.92 -31.92
N GLN A 778 3.26 27.46 -33.14
CA GLN A 778 4.56 27.94 -33.62
C GLN A 778 5.08 29.05 -32.73
N LYS A 779 4.22 30.00 -32.38
CA LYS A 779 4.65 31.13 -31.56
C LYS A 779 5.13 30.66 -30.19
N LYS A 780 4.37 29.77 -29.55
CA LYS A 780 4.76 29.27 -28.24
C LYS A 780 6.06 28.49 -28.31
N LEU A 781 6.23 27.66 -29.35
CA LEU A 781 7.46 26.90 -29.46
C LEU A 781 8.66 27.82 -29.66
N THR A 782 8.50 28.87 -30.48
CA THR A 782 9.57 29.85 -30.63
C THR A 782 9.88 30.54 -29.32
N GLU A 783 8.84 30.91 -28.56
CA GLU A 783 9.06 31.56 -27.28
C GLU A 783 9.81 30.65 -26.30
N ILE A 784 9.43 29.37 -26.25
CA ILE A 784 10.10 28.45 -25.33
C ILE A 784 11.54 28.23 -25.76
N GLY A 785 11.79 28.16 -27.07
CA GLY A 785 13.15 28.04 -27.54
C GLY A 785 14.00 29.24 -27.16
N GLU A 786 13.45 30.44 -27.33
CA GLU A 786 14.19 31.64 -26.94
C GLU A 786 14.44 31.65 -25.43
N ASN A 787 13.44 31.26 -24.63
CA ASN A 787 13.61 31.24 -23.19
C ASN A 787 14.71 30.26 -22.78
N VAL A 788 14.72 29.08 -23.39
CA VAL A 788 15.75 28.10 -23.06
C VAL A 788 17.13 28.60 -23.49
N THR A 789 17.21 29.21 -24.67
CA THR A 789 18.50 29.70 -25.16
C THR A 789 19.04 30.83 -24.32
N ASN A 790 18.15 31.68 -23.78
CA ASN A 790 18.55 32.82 -22.98
C ASN A 790 18.63 32.51 -21.49
N GLY A 791 18.38 31.27 -21.08
CA GLY A 791 18.51 30.92 -19.69
C GLY A 791 17.47 31.55 -18.78
N THR A 792 16.34 32.00 -19.33
CA THR A 792 15.30 32.64 -18.55
C THR A 792 14.34 31.66 -17.91
N VAL A 793 14.46 30.38 -18.21
CA VAL A 793 13.58 29.37 -17.59
C VAL A 793 14.01 29.15 -16.14
N PRO A 794 13.10 28.95 -15.20
CA PRO A 794 13.53 28.60 -13.84
C PRO A 794 14.24 27.26 -13.83
N ILE A 795 15.18 27.12 -12.90
CA ILE A 795 16.03 25.93 -12.90
C ILE A 795 15.21 24.69 -12.57
N THR A 796 14.22 24.83 -11.69
CA THR A 796 13.42 23.68 -11.28
C THR A 796 12.72 23.02 -12.45
N GLN A 797 12.54 23.74 -13.56
CA GLN A 797 11.87 23.17 -14.72
C GLN A 797 12.74 22.15 -15.46
N TYR A 798 14.01 22.01 -15.08
CA TYR A 798 14.90 21.05 -15.71
C TYR A 798 14.92 19.70 -15.00
N GLU A 799 14.31 19.60 -13.83
CA GLU A 799 14.40 18.36 -13.05
C GLU A 799 13.63 17.24 -13.74
N ILE A 800 14.18 16.03 -13.68
CA ILE A 800 13.52 14.84 -14.18
C ILE A 800 13.58 13.78 -13.09
N ASN A 801 12.44 13.14 -12.81
CA ASN A 801 12.30 12.23 -11.69
C ASN A 801 12.25 10.79 -12.17
N LYS A 802 13.10 9.94 -11.60
CA LYS A 802 13.10 8.51 -11.87
C LYS A 802 13.25 7.78 -10.56
N ALA A 803 12.40 6.78 -10.33
CA ALA A 803 12.42 6.03 -9.08
C ALA A 803 13.49 4.94 -9.13
N LEU A 804 13.76 4.37 -7.96
CA LEU A 804 14.73 3.30 -7.79
C LEU A 804 14.02 2.01 -7.40
N THR A 805 14.51 0.87 -7.91
CA THR A 805 13.96 -0.43 -7.59
C THR A 805 14.76 -1.17 -6.52
N LYS A 806 16.08 -1.02 -6.51
CA LYS A 806 16.95 -1.62 -5.50
C LYS A 806 17.82 -0.53 -4.90
N ASP A 807 18.63 -0.91 -3.91
CA ASP A 807 19.58 0.02 -3.35
C ASP A 807 20.63 0.39 -4.41
N PRO A 808 21.20 1.59 -4.33
CA PRO A 808 22.17 1.98 -5.38
C PRO A 808 23.32 1.01 -5.51
N GLN A 809 23.72 0.36 -4.42
CA GLN A 809 24.80 -0.63 -4.50
C GLN A 809 24.37 -1.87 -5.28
N ASP A 810 23.13 -2.31 -5.08
CA ASP A 810 22.68 -3.57 -5.67
C ASP A 810 22.44 -3.48 -7.17
N TYR A 811 22.45 -2.30 -7.75
CA TYR A 811 22.30 -2.17 -9.19
C TYR A 811 23.55 -2.69 -9.89
N PRO A 812 23.45 -3.64 -10.81
CA PRO A 812 24.65 -4.09 -11.53
C PRO A 812 25.31 -2.94 -12.28
N ASP A 813 26.52 -3.22 -12.76
CA ASP A 813 27.29 -2.22 -13.51
C ASP A 813 26.84 -2.17 -14.97
N LYS A 814 25.54 -2.02 -15.21
CA LYS A 814 25.01 -1.86 -16.56
C LYS A 814 25.20 -0.40 -16.96
N LYS A 815 26.43 -0.06 -17.29
CA LYS A 815 26.86 1.33 -17.48
C LYS A 815 26.46 2.08 -16.21
N SER A 816 25.63 3.12 -16.28
CA SER A 816 25.14 3.78 -15.07
C SER A 816 23.83 4.47 -15.43
N LEU A 817 22.72 3.88 -15.04
CA LEU A 817 21.42 4.49 -15.30
C LEU A 817 21.40 5.87 -14.64
N PRO A 818 20.92 6.92 -15.34
CA PRO A 818 21.04 8.28 -14.81
C PRO A 818 20.72 8.40 -13.33
N HIS A 819 19.49 8.04 -12.95
CA HIS A 819 19.10 8.22 -11.55
C HIS A 819 20.07 7.50 -10.63
N VAL A 820 20.38 6.24 -10.93
CA VAL A 820 21.28 5.47 -10.09
C VAL A 820 22.59 6.23 -9.92
N HIS A 821 23.15 6.73 -11.03
CA HIS A 821 24.35 7.55 -10.93
C HIS A 821 24.19 8.59 -9.83
N VAL A 822 23.19 9.48 -9.98
CA VAL A 822 23.00 10.52 -8.99
C VAL A 822 22.77 9.89 -7.62
N ALA A 823 22.01 8.79 -7.58
CA ALA A 823 21.77 8.12 -6.31
C ALA A 823 23.09 7.86 -5.60
N LEU A 824 24.06 7.28 -6.31
CA LEU A 824 25.33 6.98 -5.66
C LEU A 824 25.97 8.26 -5.13
N TRP A 825 25.95 9.32 -5.93
CA TRP A 825 26.49 10.59 -5.46
C TRP A 825 25.81 11.00 -4.16
N ILE A 826 24.49 10.87 -4.09
CA ILE A 826 23.78 11.28 -2.88
C ILE A 826 24.26 10.46 -1.70
N ASN A 827 24.54 9.17 -1.92
CA ASN A 827 25.07 8.36 -0.83
C ASN A 827 26.51 8.74 -0.52
N SER A 828 27.27 9.16 -1.54
CA SER A 828 28.63 9.63 -1.30
C SER A 828 28.63 10.90 -0.45
N GLN A 829 27.72 11.83 -0.74
CA GLN A 829 27.65 13.06 0.01
C GLN A 829 27.16 12.81 1.43
N GLY A 830 27.33 13.83 2.28
CA GLY A 830 26.97 13.72 3.68
C GLY A 830 25.50 14.00 3.94
N GLY A 831 24.62 13.05 3.61
CA GLY A 831 23.21 13.24 3.82
C GLY A 831 22.53 11.90 4.01
N ARG A 832 21.25 11.96 4.39
CA ARG A 832 20.47 10.75 4.60
C ARG A 832 20.47 9.91 3.32
N LYS A 833 20.74 8.63 3.45
CA LYS A 833 20.92 7.79 2.27
C LYS A 833 19.59 7.63 1.53
N VAL A 834 19.68 7.18 0.28
CA VAL A 834 18.53 6.92 -0.56
C VAL A 834 18.43 5.42 -0.78
N LYS A 835 17.35 4.80 -0.31
CA LYS A 835 17.15 3.37 -0.41
C LYS A 835 16.28 3.05 -1.63
N ALA A 836 15.85 1.80 -1.73
CA ALA A 836 14.98 1.38 -2.82
C ALA A 836 13.63 2.08 -2.74
N GLY A 837 13.01 2.26 -3.90
CA GLY A 837 11.73 2.93 -3.96
C GLY A 837 11.75 4.38 -3.56
N ASP A 838 12.80 5.11 -3.95
CA ASP A 838 12.93 6.53 -3.64
C ASP A 838 13.14 7.31 -4.93
N THR A 839 12.31 8.33 -5.14
CA THR A 839 12.43 9.15 -6.34
C THR A 839 13.67 10.03 -6.26
N ILE A 840 14.34 10.20 -7.40
CA ILE A 840 15.55 11.01 -7.49
C ILE A 840 15.39 11.96 -8.68
N SER A 841 15.52 13.27 -8.42
CA SER A 841 15.42 14.29 -9.45
C SER A 841 16.83 14.71 -9.86
N TYR A 842 17.13 14.59 -11.15
CA TYR A 842 18.44 14.93 -11.68
C TYR A 842 18.30 15.81 -12.91
N VAL A 843 19.33 16.62 -13.16
CA VAL A 843 19.40 17.49 -14.32
C VAL A 843 20.60 17.09 -15.17
N ILE A 844 20.37 16.81 -16.44
CA ILE A 844 21.43 16.47 -17.36
C ILE A 844 22.14 17.75 -17.78
N CYS A 845 23.45 17.81 -17.56
CA CYS A 845 24.21 19.05 -17.69
C CYS A 845 25.47 18.83 -18.50
N GLN A 846 25.94 19.89 -19.15
CA GLN A 846 27.19 19.86 -19.89
C GLN A 846 28.38 19.91 -18.94
N ASP A 847 29.39 19.07 -19.22
CA ASP A 847 30.63 19.09 -18.46
C ASP A 847 31.86 19.10 -19.37
N GLY A 848 31.68 19.25 -20.68
CA GLY A 848 32.80 19.18 -21.60
C GLY A 848 33.34 17.80 -21.84
N SER A 849 32.62 16.75 -21.42
CA SER A 849 33.14 15.39 -21.46
C SER A 849 32.99 14.74 -22.82
N ASN A 850 32.21 15.31 -23.72
CA ASN A 850 31.95 14.70 -25.03
C ASN A 850 31.46 13.27 -24.87
N LEU A 851 30.61 13.05 -23.86
CA LEU A 851 30.07 11.75 -23.54
C LEU A 851 28.55 11.75 -23.72
N SER A 852 27.96 10.57 -23.59
CA SER A 852 26.53 10.43 -23.78
C SER A 852 25.76 11.15 -22.68
N ALA A 853 24.54 11.58 -23.01
CA ALA A 853 23.72 12.32 -22.05
C ALA A 853 23.43 11.48 -20.81
N SER A 854 23.13 10.20 -21.00
CA SER A 854 22.74 9.34 -19.89
C SER A 854 23.81 9.26 -18.81
N GLN A 855 25.07 9.55 -19.14
CA GLN A 855 26.17 9.49 -18.19
C GLN A 855 26.56 10.87 -17.67
N ARG A 856 25.74 11.89 -17.92
CA ARG A 856 25.98 13.24 -17.41
C ARG A 856 24.88 13.71 -16.47
N ALA A 857 24.10 12.77 -15.92
CA ALA A 857 23.04 13.14 -14.99
C ALA A 857 23.64 13.64 -13.69
N TYR A 858 23.13 14.77 -13.20
CA TYR A 858 23.63 15.41 -12.00
C TYR A 858 22.47 15.98 -11.21
N ALA A 859 22.67 16.10 -9.90
CA ALA A 859 21.69 16.75 -9.04
C ALA A 859 21.72 18.26 -9.26
N GLN A 860 20.60 18.91 -8.93
CA GLN A 860 20.51 20.36 -9.12
C GLN A 860 21.53 21.08 -8.25
N GLU A 861 21.72 20.61 -7.01
CA GLU A 861 22.71 21.21 -6.15
C GLU A 861 24.11 21.08 -6.74
N GLN A 862 24.40 19.93 -7.36
CA GLN A 862 25.68 19.77 -8.05
C GLN A 862 25.89 20.89 -9.07
N LEU A 863 24.89 21.15 -9.90
CA LEU A 863 25.03 22.21 -10.90
C LEU A 863 25.21 23.57 -10.23
N GLN A 864 24.42 23.86 -9.20
CA GLN A 864 24.51 25.15 -8.54
C GLN A 864 25.85 25.33 -7.84
N LYS A 865 26.54 24.23 -7.52
CA LYS A 865 27.80 24.30 -6.80
C LYS A 865 28.99 24.30 -7.75
N GLN A 866 29.14 23.25 -8.55
CA GLN A 866 30.29 23.13 -9.44
C GLN A 866 30.24 24.21 -10.52
N GLU A 867 31.42 24.70 -10.90
CA GLU A 867 31.55 25.74 -11.91
C GLU A 867 31.79 25.19 -13.31
N ASN A 868 31.91 23.87 -13.46
CA ASN A 868 32.16 23.25 -14.75
C ASN A 868 30.92 22.55 -15.29
N LEU A 869 29.78 22.68 -14.62
CA LEU A 869 28.53 22.04 -15.02
C LEU A 869 27.53 23.09 -15.44
N SER A 870 26.95 22.92 -16.63
CA SER A 870 25.94 23.82 -17.15
C SER A 870 24.81 23.02 -17.76
N ILE A 871 23.61 23.58 -17.73
CA ILE A 871 22.45 22.88 -18.26
C ILE A 871 22.63 22.67 -19.76
N ASP A 872 22.51 21.43 -20.19
CA ASP A 872 22.65 21.08 -21.61
C ASP A 872 21.37 21.51 -22.31
N THR A 873 21.36 22.74 -22.82
CA THR A 873 20.18 23.27 -23.49
C THR A 873 19.82 22.45 -24.72
N GLN A 874 20.82 22.09 -25.54
CA GLN A 874 20.55 21.32 -26.74
C GLN A 874 19.94 19.97 -26.39
N TYR A 875 20.45 19.32 -25.35
CA TYR A 875 19.89 18.02 -24.96
C TYR A 875 18.40 18.14 -24.68
N TYR A 876 18.00 19.15 -23.91
CA TYR A 876 16.59 19.31 -23.59
C TYR A 876 15.79 19.62 -24.84
N LEU A 877 16.25 20.60 -25.62
CA LEU A 877 15.52 20.99 -26.83
C LEU A 877 15.41 19.87 -27.84
N SER A 878 16.28 18.85 -27.79
CA SER A 878 16.28 17.81 -28.80
C SER A 878 15.72 16.48 -28.31
N GLN A 879 15.71 16.21 -27.00
CA GLN A 879 15.30 14.92 -26.49
C GLN A 879 14.32 15.00 -25.32
N GLN A 880 13.87 16.19 -24.94
CA GLN A 880 12.83 16.33 -23.94
C GLN A 880 11.63 17.13 -24.43
N VAL A 881 11.86 18.22 -25.15
CA VAL A 881 10.77 19.03 -25.68
C VAL A 881 10.31 18.53 -27.05
N HIS A 882 11.26 18.27 -27.95
CA HIS A 882 10.90 17.84 -29.30
C HIS A 882 10.19 16.48 -29.31
N PRO A 883 10.68 15.45 -28.61
CA PRO A 883 9.97 14.16 -28.69
C PRO A 883 8.52 14.24 -28.22
N VAL A 884 8.27 14.95 -27.13
CA VAL A 884 6.91 14.98 -26.57
C VAL A 884 5.95 15.70 -27.51
N VAL A 885 6.35 16.88 -27.99
CA VAL A 885 5.47 17.64 -28.87
C VAL A 885 5.30 16.90 -30.20
N ALA A 886 6.37 16.27 -30.69
CA ALA A 886 6.27 15.51 -31.93
C ALA A 886 5.28 14.35 -31.78
N ARG A 887 5.35 13.64 -30.65
CA ARG A 887 4.39 12.56 -30.41
C ARG A 887 2.98 13.10 -30.31
N ILE A 888 2.81 14.25 -29.65
CA ILE A 888 1.48 14.83 -29.50
C ILE A 888 0.90 15.21 -30.86
N CYS A 889 1.72 15.81 -31.72
CA CYS A 889 1.26 16.38 -32.98
C CYS A 889 1.34 15.39 -34.15
N GLU A 890 1.48 14.09 -33.87
CA GLU A 890 1.59 13.13 -34.97
C GLU A 890 0.37 13.13 -35.88
N PRO A 891 -0.86 13.09 -35.37
CA PRO A 891 -2.03 13.08 -36.27
C PRO A 891 -2.51 14.48 -36.64
N ILE A 892 -1.67 15.49 -36.39
CA ILE A 892 -2.06 16.89 -36.56
C ILE A 892 -1.55 17.39 -37.90
N ASP A 893 -2.44 18.02 -38.66
CA ASP A 893 -2.07 18.56 -39.97
C ASP A 893 -1.46 19.94 -39.81
N GLY A 894 -0.34 20.18 -40.50
CA GLY A 894 0.38 21.44 -40.39
C GLY A 894 1.58 21.41 -39.47
N ILE A 895 1.73 20.37 -38.65
CA ILE A 895 2.84 20.24 -37.73
C ILE A 895 3.51 18.90 -37.94
N ASP A 896 4.84 18.90 -37.97
CA ASP A 896 5.63 17.69 -38.12
C ASP A 896 6.90 17.84 -37.30
N SER A 897 7.71 16.78 -37.29
CA SER A 897 8.93 16.82 -36.47
C SER A 897 9.88 17.90 -36.97
N ALA A 898 10.04 18.02 -38.29
CA ALA A 898 10.93 19.03 -38.84
C ALA A 898 10.46 20.43 -38.46
N LEU A 899 9.15 20.68 -38.55
CA LEU A 899 8.60 21.98 -38.21
C LEU A 899 8.81 22.29 -36.74
N ILE A 900 8.59 21.30 -35.87
CA ILE A 900 8.80 21.52 -34.45
C ILE A 900 10.27 21.84 -34.17
N ALA A 901 11.18 21.12 -34.82
CA ALA A 901 12.60 21.40 -34.65
C ALA A 901 12.94 22.80 -35.10
N MET A 902 12.40 23.23 -36.24
CA MET A 902 12.66 24.56 -36.75
C MET A 902 12.13 25.63 -35.80
N TRP A 903 10.92 25.43 -35.26
CA TRP A 903 10.35 26.41 -34.35
C TRP A 903 11.12 26.46 -33.04
N LEU A 904 11.62 25.31 -32.57
CA LEU A 904 12.43 25.28 -31.36
C LEU A 904 13.83 25.83 -31.58
N GLY A 905 14.16 26.28 -32.79
CA GLY A 905 15.50 26.75 -33.09
C GLY A 905 16.51 25.67 -33.41
N LEU A 906 16.08 24.41 -33.49
CA LEU A 906 17.01 23.32 -33.72
C LEU A 906 17.32 23.18 -35.21
N ASP A 907 18.13 22.18 -35.55
CA ASP A 907 18.46 21.90 -36.94
C ASP A 907 17.52 20.84 -37.50
N PRO A 908 16.67 21.14 -38.49
CA PRO A 908 15.73 20.13 -38.98
C PRO A 908 16.42 18.92 -39.61
N SER A 909 17.70 19.05 -40.00
CA SER A 909 18.38 17.99 -40.74
C SER A 909 18.19 16.63 -40.07
N GLN A 910 18.65 16.50 -38.82
CA GLN A 910 18.64 15.19 -38.17
C GLN A 910 17.22 14.65 -38.05
N PHE A 911 16.25 15.53 -37.79
CA PHE A 911 14.86 15.11 -37.64
C PHE A 911 14.18 14.96 -39.00
#